data_4NQ3
#
_entry.id   4NQ3
#
_cell.length_a   237.866
_cell.length_b   237.866
_cell.length_c   105.313
_cell.angle_alpha   90.00
_cell.angle_beta   90.00
_cell.angle_gamma   90.00
#
_symmetry.space_group_name_H-M   'I 41 2 2'
#
loop_
_entity.id
_entity.type
_entity.pdbx_description
1 polymer 'Cyanuric acid amidohydrolase'
2 non-polymer 'BARBITURIC ACID'
3 non-polymer 'SULFATE ION'
4 non-polymer 'MAGNESIUM ION'
5 water water
#
_entity_poly.entity_id   1
_entity_poly.type   'polypeptide(L)'
_entity_poly.pdbx_seq_one_letter_code
;(MSE)PIAKVHRIATASPDDVSGLAAAIATGAIAPAGILAIFGKTEGNGCVNDFSRGFAVQSLQ(MSE)LLRGH(MSE)G
AAADEVCLV(MSE)SGGTEGG(MSE)SPHFLVFERAEGNAPEAAPALAIGRAHTPDLPFEALGR(MSE)GQVR(MSE)VA
QAVRRA(MSE)AAAGITDPEDVHFVQVKCPLLTA(MSE)RVKEAEARGATTATSDTLKS(MSE)GLSRGASALGIALALG
EVAEDALSDAVICADYGLWSARASCSSGIELLGHEIVVLG(MSE)SEGWSGPLAIAHGV(MSE)ADAIDVTPVKAALSAL
GAEAGEATIVLAKAEPSRSGRIRGKRHT(MSE)LDDSDISPTRHARAFVAGALAGVVGHTEIYVSGGGEHQGPDGGGPVA
VIAART(MSE)G
;
_entity_poly.pdbx_strand_id   A,B
#
# COMPACT_ATOMS: atom_id res chain seq x y z
N PRO A 2 -20.76 -32.37 8.58
CA PRO A 2 -19.62 -31.54 8.98
C PRO A 2 -19.81 -30.02 8.86
N ILE A 3 -19.12 -29.31 9.74
CA ILE A 3 -19.15 -27.86 9.86
C ILE A 3 -17.77 -27.23 9.67
N ALA A 4 -17.66 -26.21 8.83
CA ALA A 4 -16.39 -25.49 8.73
C ALA A 4 -16.29 -24.47 9.86
N LYS A 5 -15.15 -24.46 10.52
CA LYS A 5 -14.89 -23.48 11.55
C LYS A 5 -13.60 -22.77 11.14
N VAL A 6 -13.67 -21.46 10.97
CA VAL A 6 -12.49 -20.67 10.59
C VAL A 6 -12.07 -19.72 11.70
N HIS A 7 -10.82 -19.82 12.14
CA HIS A 7 -10.33 -19.04 13.29
C HIS A 7 -9.23 -18.08 12.92
N ARG A 8 -9.42 -16.77 13.14
CA ARG A 8 -8.34 -15.82 12.86
C ARG A 8 -7.56 -15.47 14.15
N ILE A 9 -6.29 -15.84 14.19
CA ILE A 9 -5.50 -15.68 15.38
C ILE A 9 -4.34 -14.69 15.19
N ALA A 10 -4.25 -13.68 16.05
CA ALA A 10 -3.12 -12.75 16.00
C ALA A 10 -1.77 -13.43 16.40
N THR A 11 -0.66 -12.91 15.90
CA THR A 11 0.68 -13.39 16.23
C THR A 11 1.62 -12.20 16.40
N ALA A 12 2.52 -12.26 17.38
CA ALA A 12 3.41 -11.13 17.62
C ALA A 12 4.74 -11.33 16.92
N SER A 13 4.88 -12.47 16.26
CA SER A 13 6.16 -13.03 15.89
C SER A 13 5.84 -14.19 14.96
N PRO A 14 6.74 -14.52 14.02
CA PRO A 14 6.45 -15.73 13.24
C PRO A 14 6.34 -16.98 14.09
N ASP A 15 7.08 -17.03 15.20
CA ASP A 15 7.10 -18.20 16.03
C ASP A 15 6.12 -18.13 17.19
N ASP A 16 5.24 -17.12 17.17
CA ASP A 16 4.24 -16.95 18.24
C ASP A 16 3.00 -17.81 18.00
N VAL A 17 2.98 -18.99 18.60
CA VAL A 17 1.85 -19.87 18.38
C VAL A 17 0.97 -19.80 19.65
N SER A 18 1.25 -18.84 20.50
CA SER A 18 0.56 -18.76 21.80
C SER A 18 -0.97 -18.71 21.67
N GLY A 19 -1.49 -18.05 20.65
CA GLY A 19 -2.91 -17.87 20.54
C GLY A 19 -3.54 -19.15 20.04
N LEU A 20 -2.79 -19.89 19.23
CA LEU A 20 -3.32 -21.15 18.75
C LEU A 20 -3.30 -22.15 19.89
N ALA A 21 -2.25 -22.12 20.72
CA ALA A 21 -2.21 -22.93 21.94
C ALA A 21 -3.41 -22.68 22.84
N ALA A 22 -3.74 -21.42 23.07
CA ALA A 22 -4.84 -21.06 23.94
C ALA A 22 -6.17 -21.51 23.36
N ALA A 23 -6.33 -21.37 22.05
CA ALA A 23 -7.58 -21.77 21.42
C ALA A 23 -7.74 -23.27 21.57
N ILE A 24 -6.64 -24.02 21.55
CA ILE A 24 -6.72 -25.47 21.71
C ILE A 24 -7.00 -25.83 23.15
N ALA A 25 -6.33 -25.16 24.05
CA ALA A 25 -6.49 -25.39 25.47
C ALA A 25 -7.92 -25.11 25.94
N THR A 26 -8.55 -24.06 25.41
CA THR A 26 -9.92 -23.76 25.79
C THR A 26 -10.94 -24.56 24.96
N GLY A 27 -10.45 -25.46 24.11
CA GLY A 27 -11.33 -26.29 23.30
C GLY A 27 -12.10 -25.50 22.25
N ALA A 28 -11.69 -24.27 22.02
CA ALA A 28 -12.22 -23.51 20.91
C ALA A 28 -11.87 -24.20 19.58
N ILE A 29 -10.68 -24.78 19.52
CA ILE A 29 -10.24 -25.52 18.33
C ILE A 29 -9.86 -26.93 18.74
N ALA A 30 -10.38 -27.93 18.03
CA ALA A 30 -10.01 -29.32 18.33
C ALA A 30 -8.97 -29.79 17.31
N PRO A 31 -7.75 -30.08 17.78
CA PRO A 31 -6.61 -30.36 16.89
C PRO A 31 -6.92 -31.43 15.86
N ALA A 32 -7.69 -32.44 16.23
CA ALA A 32 -8.04 -33.53 15.32
C ALA A 32 -8.69 -33.00 14.05
N GLY A 33 -9.41 -31.90 14.17
CA GLY A 33 -10.20 -31.38 13.05
C GLY A 33 -9.54 -30.24 12.30
N ILE A 34 -8.28 -29.97 12.59
CA ILE A 34 -7.57 -28.92 11.90
C ILE A 34 -7.18 -29.42 10.51
N LEU A 35 -7.73 -28.79 9.49
CA LEU A 35 -7.40 -29.16 8.11
C LEU A 35 -6.22 -28.38 7.57
N ALA A 36 -6.20 -27.07 7.75
CA ALA A 36 -5.12 -26.26 7.18
C ALA A 36 -4.92 -25.01 8.00
N ILE A 37 -3.71 -24.45 7.95
CA ILE A 37 -3.48 -23.14 8.54
C ILE A 37 -2.87 -22.19 7.52
N PHE A 38 -3.51 -21.04 7.28
CA PHE A 38 -2.91 -20.00 6.45
C PHE A 38 -2.21 -19.01 7.35
N GLY A 39 -1.19 -18.33 6.86
CA GLY A 39 -0.55 -17.33 7.67
C GLY A 39 -0.03 -16.18 6.83
N LYS A 40 -0.04 -14.98 7.41
CA LYS A 40 0.76 -13.87 6.88
C LYS A 40 1.88 -13.68 7.86
N THR A 41 3.12 -13.83 7.42
CA THR A 41 4.26 -13.67 8.33
C THR A 41 5.12 -12.46 7.93
N GLU A 42 5.85 -11.89 8.89
CA GLU A 42 6.54 -10.60 8.73
C GLU A 42 7.74 -10.54 7.78
N GLY A 43 8.02 -11.64 7.08
CA GLY A 43 9.13 -11.69 6.14
C GLY A 43 8.96 -10.76 4.95
N ASN A 44 9.86 -10.83 3.96
CA ASN A 44 9.70 -9.97 2.79
C ASN A 44 8.85 -10.58 1.72
N GLY A 45 8.43 -11.83 1.95
CA GLY A 45 7.57 -12.54 1.02
C GLY A 45 8.27 -12.96 -0.27
N CYS A 46 9.58 -12.90 -0.34
CA CYS A 46 10.24 -13.26 -1.58
C CYS A 46 11.16 -14.47 -1.39
N VAL A 47 12.37 -14.45 -1.94
CA VAL A 47 13.12 -15.68 -1.90
C VAL A 47 13.67 -15.96 -0.51
N ASN A 48 14.45 -15.01 0.01
CA ASN A 48 15.08 -15.13 1.33
C ASN A 48 14.19 -14.61 2.44
N ASP A 49 13.04 -15.27 2.58
CA ASP A 49 12.11 -14.98 3.63
C ASP A 49 12.06 -16.20 4.52
N PHE A 50 12.62 -16.10 5.71
CA PHE A 50 12.66 -17.25 6.60
C PHE A 50 11.62 -17.13 7.71
N SER A 51 10.82 -16.06 7.67
CA SER A 51 9.75 -15.99 8.65
C SER A 51 8.75 -17.12 8.35
N ARG A 52 8.62 -17.49 7.08
CA ARG A 52 7.70 -18.54 6.64
C ARG A 52 8.08 -19.88 7.28
N GLY A 53 9.34 -20.29 7.06
CA GLY A 53 9.82 -21.55 7.57
C GLY A 53 9.83 -21.59 9.08
N PHE A 54 10.14 -20.45 9.68
CA PHE A 54 10.12 -20.29 11.13
C PHE A 54 8.71 -20.54 11.69
N ALA A 55 7.69 -19.95 11.08
CA ALA A 55 6.31 -20.19 11.52
C ALA A 55 5.92 -21.67 11.33
N VAL A 56 6.37 -22.27 10.22
CA VAL A 56 6.01 -23.64 9.92
C VAL A 56 6.57 -24.56 10.99
N GLN A 57 7.85 -24.39 11.28
CA GLN A 57 8.51 -25.19 12.30
C GLN A 57 7.79 -25.06 13.61
N SER A 58 7.43 -23.83 13.95
CA SER A 58 6.78 -23.57 15.21
C SER A 58 5.42 -24.22 15.27
N LEU A 59 4.71 -24.13 14.16
CA LEU A 59 3.40 -24.73 14.08
C LEU A 59 3.50 -26.25 14.09
N GLN A 60 4.49 -26.79 13.36
CA GLN A 60 4.71 -28.23 13.33
C GLN A 60 4.99 -28.80 14.73
N LEU A 62 4.10 -27.46 17.72
CA LEU A 62 2.88 -27.46 18.51
C LEU A 62 1.91 -28.58 18.08
N LEU A 63 1.72 -28.74 16.78
CA LEU A 63 0.75 -29.71 16.29
C LEU A 63 1.26 -31.13 16.52
N ARG A 64 2.58 -31.36 16.42
CA ARG A 64 3.07 -32.72 16.70
C ARG A 64 2.76 -33.08 18.13
N GLY A 65 2.93 -32.12 19.04
CA GLY A 65 2.49 -32.30 20.41
C GLY A 65 1.08 -32.83 20.59
N HIS A 66 0.11 -32.37 19.80
CA HIS A 66 -1.26 -32.83 20.02
C HIS A 66 -1.66 -33.99 19.13
N GLY A 68 0.61 -35.93 16.93
CA GLY A 68 1.64 -36.85 16.47
C GLY A 68 1.87 -36.79 14.98
N ALA A 69 1.92 -37.96 14.34
CA ALA A 69 2.26 -38.02 12.92
C ALA A 69 1.15 -37.46 12.04
N ALA A 70 -0.06 -37.34 12.58
CA ALA A 70 -1.19 -36.78 11.84
C ALA A 70 -1.00 -35.29 11.64
N ALA A 71 -0.09 -34.68 12.41
CA ALA A 71 0.23 -33.27 12.22
C ALA A 71 0.70 -33.03 10.80
N ASP A 72 1.39 -34.01 10.24
CA ASP A 72 2.02 -33.82 8.95
C ASP A 72 1.01 -33.69 7.82
N GLU A 73 -0.23 -34.06 8.10
CA GLU A 73 -1.30 -34.02 7.11
C GLU A 73 -2.00 -32.66 7.11
N VAL A 74 -1.64 -31.79 8.04
CA VAL A 74 -2.21 -30.45 8.06
C VAL A 74 -1.51 -29.60 7.01
N CYS A 75 -2.28 -28.87 6.21
CA CYS A 75 -1.68 -28.00 5.22
C CYS A 75 -1.26 -26.71 5.84
N LEU A 76 0.04 -26.42 5.73
CA LEU A 76 0.59 -25.18 6.27
C LEU A 76 0.99 -24.26 5.10
N VAL A 77 0.16 -23.25 4.88
CA VAL A 77 0.45 -22.19 3.89
C VAL A 77 0.90 -20.91 4.58
N SER A 79 2.27 -17.43 3.94
CA SER A 79 2.58 -16.40 2.95
C SER A 79 3.21 -15.20 3.61
N GLY A 80 4.46 -14.92 3.25
CA GLY A 80 5.22 -13.82 3.82
C GLY A 80 4.84 -12.50 3.18
N GLY A 81 5.31 -11.41 3.78
CA GLY A 81 5.09 -10.10 3.22
C GLY A 81 3.88 -9.40 3.82
N THR A 82 4.11 -8.58 4.85
CA THR A 82 3.02 -7.83 5.45
C THR A 82 3.35 -6.33 5.42
N GLU A 83 3.33 -5.76 4.22
CA GLU A 83 3.74 -4.39 4.00
C GLU A 83 2.61 -3.45 4.35
N GLY A 84 2.89 -2.15 4.34
CA GLY A 84 1.87 -1.20 4.70
C GLY A 84 1.40 -1.51 6.11
N GLY A 85 0.09 -1.45 6.33
CA GLY A 85 -0.42 -1.66 7.66
C GLY A 85 -0.90 -3.08 7.87
N SER A 87 -1.65 -6.68 8.85
CA SER A 87 -1.39 -7.23 10.19
C SER A 87 -1.12 -8.75 10.22
N PRO A 88 0.05 -9.16 10.70
CA PRO A 88 0.41 -10.58 10.75
C PRO A 88 -0.55 -11.43 11.57
N HIS A 89 -0.99 -12.53 10.98
CA HIS A 89 -1.95 -13.44 11.62
C HIS A 89 -1.98 -14.85 11.03
N PHE A 90 -2.61 -15.77 11.77
CA PHE A 90 -2.91 -17.12 11.27
C PHE A 90 -4.41 -17.26 10.97
N LEU A 91 -4.74 -18.02 9.96
CA LEU A 91 -6.10 -18.41 9.64
C LEU A 91 -6.23 -19.92 9.80
N VAL A 92 -6.87 -20.40 10.87
CA VAL A 92 -7.00 -21.84 11.06
C VAL A 92 -8.32 -22.35 10.54
N PHE A 93 -8.26 -23.37 9.69
CA PHE A 93 -9.43 -24.00 9.08
C PHE A 93 -9.70 -25.34 9.72
N GLU A 94 -10.83 -25.46 10.43
CA GLU A 94 -11.16 -26.66 11.18
C GLU A 94 -12.40 -27.32 10.63
N ARG A 95 -12.45 -28.64 10.59
CA ARG A 95 -13.67 -29.36 10.26
C ARG A 95 -14.28 -29.93 11.55
N ALA A 96 -15.55 -29.65 11.83
CA ALA A 96 -16.19 -30.16 13.03
C ALA A 96 -17.51 -30.86 12.65
N GLU A 97 -18.19 -31.53 13.59
CA GLU A 97 -19.42 -32.27 13.24
C GLU A 97 -20.66 -31.64 13.88
N GLY A 98 -21.68 -31.39 13.06
CA GLY A 98 -22.94 -30.84 13.53
C GLY A 98 -24.03 -31.87 13.39
N ASN A 99 -25.28 -31.38 13.26
CA ASN A 99 -26.48 -32.23 13.26
C ASN A 99 -26.50 -33.39 12.26
N ALA A 104 -29.53 -26.35 4.22
CA ALA A 104 -28.86 -25.48 3.27
C ALA A 104 -27.32 -25.67 3.24
N PRO A 105 -26.67 -25.15 2.16
CA PRO A 105 -25.25 -25.26 1.81
C PRO A 105 -24.36 -24.28 2.57
N ALA A 106 -23.14 -24.69 2.90
CA ALA A 106 -22.24 -23.89 3.73
C ALA A 106 -20.81 -24.06 3.29
N LEU A 107 -19.90 -23.37 3.98
CA LEU A 107 -18.48 -23.43 3.65
C LEU A 107 -18.00 -24.86 3.74
N ALA A 108 -17.30 -25.31 2.70
CA ALA A 108 -16.65 -26.62 2.69
C ALA A 108 -15.16 -26.44 2.46
N ILE A 109 -14.37 -27.34 3.04
CA ILE A 109 -12.92 -27.29 3.02
C ILE A 109 -12.30 -28.62 2.62
N GLY A 110 -11.38 -28.60 1.68
CA GLY A 110 -10.67 -29.83 1.32
C GLY A 110 -9.18 -29.57 1.23
N ARG A 111 -8.38 -30.56 1.57
CA ARG A 111 -6.94 -30.36 1.51
C ARG A 111 -6.33 -31.48 0.71
N ALA A 112 -5.09 -31.30 0.27
CA ALA A 112 -4.33 -32.33 -0.43
C ALA A 112 -2.86 -31.90 -0.46
N HIS A 113 -1.96 -32.88 -0.63
CA HIS A 113 -0.51 -32.67 -0.63
C HIS A 113 0.03 -33.23 -1.93
N THR A 114 1.31 -33.01 -2.19
CA THR A 114 1.90 -33.64 -3.35
C THR A 114 3.31 -34.12 -3.02
N PRO A 115 3.82 -35.03 -3.86
CA PRO A 115 5.20 -35.44 -3.65
C PRO A 115 6.09 -34.26 -3.97
N ASP A 116 7.37 -34.42 -3.66
CA ASP A 116 8.34 -33.39 -4.00
C ASP A 116 8.28 -33.12 -5.50
N LEU A 117 8.57 -31.88 -5.86
CA LEU A 117 8.56 -31.43 -7.24
C LEU A 117 9.98 -31.36 -7.79
N PRO A 118 10.30 -32.18 -8.80
CA PRO A 118 11.59 -32.15 -9.51
C PRO A 118 11.91 -30.74 -9.96
N PHE A 119 13.13 -30.25 -9.71
CA PHE A 119 13.46 -28.86 -10.01
C PHE A 119 13.27 -28.52 -11.48
N GLU A 120 13.32 -29.53 -12.33
CA GLU A 120 13.20 -29.29 -13.77
C GLU A 120 11.75 -29.34 -14.22
N ALA A 121 10.86 -29.62 -13.27
CA ALA A 121 9.42 -29.58 -13.57
C ALA A 121 8.81 -28.22 -13.20
N LEU A 122 9.48 -27.47 -12.32
CA LEU A 122 8.95 -26.20 -11.83
C LEU A 122 8.77 -25.25 -13.00
N GLY A 123 7.62 -24.59 -13.07
CA GLY A 123 7.34 -23.67 -14.17
C GLY A 123 7.06 -24.38 -15.49
N ARG A 124 6.88 -25.70 -15.45
CA ARG A 124 6.62 -26.46 -16.67
C ARG A 124 5.44 -27.41 -16.50
N GLY A 126 5.04 -30.47 -15.99
CA GLY A 126 5.20 -31.28 -14.80
C GLY A 126 4.49 -30.69 -13.57
N GLN A 127 4.81 -29.44 -13.26
CA GLN A 127 4.18 -28.80 -12.12
C GLN A 127 2.69 -28.64 -12.32
N VAL A 128 2.30 -28.22 -13.52
CA VAL A 128 0.89 -28.00 -13.81
C VAL A 128 0.07 -29.25 -13.56
N ARG A 129 0.55 -30.39 -14.07
CA ARG A 129 -0.19 -31.63 -13.93
C ARG A 129 -0.22 -32.08 -12.48
N VAL A 131 -0.13 -30.29 -9.69
CA VAL A 131 -1.05 -29.49 -8.90
C VAL A 131 -2.48 -29.81 -9.31
N ALA A 132 -2.72 -29.95 -10.62
CA ALA A 132 -4.05 -30.26 -11.11
C ALA A 132 -4.61 -31.52 -10.47
N GLN A 133 -3.77 -32.56 -10.39
CA GLN A 133 -4.15 -33.82 -9.78
C GLN A 133 -4.48 -33.60 -8.31
N ALA A 134 -3.60 -32.88 -7.60
CA ALA A 134 -3.85 -32.59 -6.19
C ALA A 134 -5.15 -31.80 -5.96
N VAL A 135 -5.41 -30.81 -6.81
CA VAL A 135 -6.62 -30.01 -6.66
C VAL A 135 -7.86 -30.86 -6.85
N ARG A 136 -7.79 -31.85 -7.74
CA ARG A 136 -8.93 -32.75 -7.91
C ARG A 136 -9.15 -33.55 -6.61
N ARG A 137 -8.06 -34.08 -6.04
CA ARG A 137 -8.14 -34.80 -4.77
C ARG A 137 -8.73 -33.95 -3.66
N ALA A 138 -8.22 -32.74 -3.48
CA ALA A 138 -8.75 -31.89 -2.43
C ALA A 138 -10.24 -31.58 -2.65
N ALA A 140 -12.49 -33.50 -4.06
CA ALA A 140 -13.17 -34.69 -3.58
C ALA A 140 -13.26 -34.73 -2.06
N ALA A 141 -12.16 -34.44 -1.38
CA ALA A 141 -12.14 -34.48 0.07
C ALA A 141 -13.09 -33.47 0.68
N ALA A 142 -13.36 -32.39 -0.06
CA ALA A 142 -14.29 -31.36 0.39
C ALA A 142 -15.74 -31.80 0.16
N GLY A 143 -15.93 -32.88 -0.58
CA GLY A 143 -17.25 -33.34 -0.97
C GLY A 143 -17.84 -32.38 -1.96
N ILE A 144 -17.05 -32.03 -2.98
CA ILE A 144 -17.43 -31.11 -4.04
C ILE A 144 -17.19 -31.73 -5.42
N THR A 145 -18.22 -31.79 -6.26
CA THR A 145 -18.01 -32.38 -7.59
C THR A 145 -18.19 -31.32 -8.68
N ASP A 146 -19.05 -30.34 -8.41
CA ASP A 146 -19.29 -29.24 -9.34
C ASP A 146 -18.22 -28.14 -9.16
N PRO A 147 -17.43 -27.92 -10.21
CA PRO A 147 -16.42 -26.86 -10.07
C PRO A 147 -17.03 -25.47 -9.78
N GLU A 148 -18.27 -25.20 -10.20
CA GLU A 148 -18.81 -23.87 -9.91
C GLU A 148 -19.05 -23.70 -8.42
N ASP A 149 -18.92 -24.77 -7.66
CA ASP A 149 -19.08 -24.67 -6.22
C ASP A 149 -17.75 -24.46 -5.53
N VAL A 150 -16.67 -24.38 -6.30
CA VAL A 150 -15.37 -24.04 -5.75
C VAL A 150 -15.18 -22.54 -5.81
N HIS A 151 -14.74 -21.93 -4.72
CA HIS A 151 -14.64 -20.48 -4.66
C HIS A 151 -13.24 -19.95 -4.52
N PHE A 152 -12.32 -20.80 -4.08
CA PHE A 152 -10.98 -20.36 -3.83
C PHE A 152 -10.05 -21.55 -3.67
N VAL A 153 -8.99 -21.61 -4.44
CA VAL A 153 -8.01 -22.68 -4.27
C VAL A 153 -6.64 -22.09 -3.92
N GLN A 154 -6.23 -22.30 -2.67
CA GLN A 154 -4.93 -21.85 -2.19
C GLN A 154 -3.88 -22.91 -2.48
N VAL A 155 -2.75 -22.53 -3.03
CA VAL A 155 -1.66 -23.47 -3.26
C VAL A 155 -0.36 -22.87 -2.73
N LYS A 156 0.38 -23.69 -1.97
CA LYS A 156 1.72 -23.31 -1.55
C LYS A 156 2.69 -24.06 -2.44
N CYS A 157 3.56 -23.34 -3.15
CA CYS A 157 4.44 -24.01 -4.10
C CYS A 157 5.89 -23.65 -3.86
N PRO A 158 6.82 -24.44 -4.41
CA PRO A 158 8.24 -24.26 -4.15
C PRO A 158 8.85 -23.16 -4.99
N LEU A 159 10.16 -22.98 -4.91
CA LEU A 159 10.87 -22.02 -5.75
C LEU A 159 12.30 -22.51 -5.96
N LEU A 160 13.09 -21.78 -6.73
CA LEU A 160 14.48 -22.14 -6.95
C LEU A 160 15.46 -21.16 -6.31
N THR A 161 16.51 -21.72 -5.70
CA THR A 161 17.64 -20.92 -5.25
C THR A 161 18.83 -21.23 -6.14
N ALA A 162 19.88 -20.43 -6.05
CA ALA A 162 21.08 -20.68 -6.84
C ALA A 162 21.56 -22.12 -6.63
N ARG A 164 19.95 -24.80 -5.78
CA ARG A 164 19.06 -25.78 -6.37
C ARG A 164 19.22 -25.86 -7.90
N VAL A 165 19.44 -24.72 -8.53
CA VAL A 165 19.66 -24.69 -9.97
C VAL A 165 20.95 -25.43 -10.31
N LYS A 166 22.01 -25.19 -9.54
CA LYS A 166 23.27 -25.85 -9.80
C LYS A 166 23.16 -27.35 -9.48
N GLU A 167 22.30 -27.73 -8.54
CA GLU A 167 22.09 -29.16 -8.26
C GLU A 167 21.48 -29.82 -9.48
N ALA A 168 20.51 -29.14 -10.09
CA ALA A 168 19.81 -29.67 -11.23
C ALA A 168 20.73 -29.81 -12.42
N GLU A 169 21.53 -28.79 -12.66
CA GLU A 169 22.46 -28.82 -13.78
C GLU A 169 23.50 -29.90 -13.58
N ALA A 170 23.84 -30.18 -12.33
CA ALA A 170 24.87 -31.17 -12.01
C ALA A 170 24.47 -32.57 -12.48
N ARG A 171 23.17 -32.83 -12.59
CA ARG A 171 22.71 -34.12 -13.06
C ARG A 171 22.09 -34.07 -14.44
N GLY A 172 22.47 -33.05 -15.21
CA GLY A 172 22.15 -33.01 -16.63
C GLY A 172 20.81 -32.39 -16.98
N ALA A 173 20.11 -31.88 -15.97
CA ALA A 173 18.81 -31.24 -16.15
C ALA A 173 18.97 -29.75 -16.37
N THR A 174 17.93 -29.12 -16.91
CA THR A 174 17.85 -27.67 -16.94
C THR A 174 16.64 -27.22 -16.11
N THR A 175 16.71 -26.05 -15.51
CA THR A 175 15.53 -25.53 -14.87
C THR A 175 14.98 -24.47 -15.82
N ALA A 176 13.74 -24.06 -15.59
CA ALA A 176 13.05 -23.12 -16.48
C ALA A 176 13.62 -21.70 -16.33
N THR A 177 14.40 -21.49 -15.30
CA THR A 177 15.02 -20.20 -15.05
C THR A 177 16.22 -20.35 -14.15
N SER A 178 17.04 -19.32 -14.09
CA SER A 178 18.09 -19.27 -13.08
C SER A 178 17.89 -18.05 -12.18
N ASP A 179 16.95 -17.17 -12.54
CA ASP A 179 16.58 -16.03 -11.70
C ASP A 179 15.66 -16.57 -10.59
N THR A 180 16.11 -16.44 -9.34
CA THR A 180 15.38 -17.07 -8.26
C THR A 180 14.04 -16.35 -8.03
N LEU A 181 14.02 -15.03 -8.17
CA LEU A 181 12.76 -14.32 -7.96
C LEU A 181 11.80 -14.66 -9.11
N LYS A 182 12.35 -14.87 -10.30
CA LYS A 182 11.53 -15.27 -11.44
C LYS A 182 10.92 -16.67 -11.20
N SER A 183 11.72 -17.55 -10.57
CA SER A 183 11.23 -18.90 -10.33
C SER A 183 9.95 -18.89 -9.48
N GLY A 185 7.58 -16.63 -9.67
CA GLY A 185 6.50 -16.31 -10.57
C GLY A 185 6.12 -17.54 -11.39
N LEU A 186 7.13 -18.26 -11.91
CA LEU A 186 6.88 -19.44 -12.74
C LEU A 186 6.15 -20.48 -11.91
N SER A 187 6.61 -20.67 -10.68
CA SER A 187 6.00 -21.67 -9.85
C SER A 187 4.54 -21.30 -9.52
N ARG A 188 4.29 -20.04 -9.20
CA ARG A 188 2.92 -19.60 -8.94
C ARG A 188 2.09 -19.80 -10.21
N GLY A 189 2.67 -19.43 -11.35
CA GLY A 189 1.98 -19.49 -12.63
C GLY A 189 1.61 -20.90 -13.03
N ALA A 190 2.57 -21.82 -12.96
CA ALA A 190 2.31 -23.21 -13.30
C ALA A 190 1.24 -23.79 -12.38
N SER A 191 1.35 -23.54 -11.09
CA SER A 191 0.34 -23.96 -10.14
C SER A 191 -1.04 -23.41 -10.47
N ALA A 192 -1.09 -22.13 -10.85
CA ALA A 192 -2.36 -21.51 -11.18
C ALA A 192 -3.00 -22.20 -12.40
N LEU A 193 -2.20 -22.51 -13.41
CA LEU A 193 -2.75 -23.18 -14.58
C LEU A 193 -3.23 -24.57 -14.21
N GLY A 194 -2.53 -25.20 -13.27
CA GLY A 194 -2.92 -26.49 -12.74
C GLY A 194 -4.29 -26.38 -12.09
N ILE A 195 -4.51 -25.36 -11.28
CA ILE A 195 -5.82 -25.12 -10.71
C ILE A 195 -6.84 -24.89 -11.82
N ALA A 196 -6.45 -24.09 -12.80
CA ALA A 196 -7.37 -23.78 -13.90
C ALA A 196 -7.73 -25.08 -14.61
N LEU A 197 -6.71 -25.88 -14.89
CA LEU A 197 -6.90 -27.13 -15.59
C LEU A 197 -7.85 -28.02 -14.81
N ALA A 198 -7.71 -28.02 -13.49
CA ALA A 198 -8.51 -28.90 -12.66
C ALA A 198 -9.96 -28.44 -12.54
N LEU A 199 -10.20 -27.14 -12.71
CA LEU A 199 -11.54 -26.59 -12.58
C LEU A 199 -12.18 -26.42 -13.96
N GLY A 200 -11.43 -26.72 -15.00
CA GLY A 200 -11.97 -26.63 -16.34
C GLY A 200 -12.06 -25.21 -16.86
N GLU A 201 -11.31 -24.30 -16.25
CA GLU A 201 -11.28 -22.92 -16.72
C GLU A 201 -10.35 -22.78 -17.92
N VAL A 202 -9.51 -23.80 -18.13
CA VAL A 202 -8.59 -23.85 -19.26
C VAL A 202 -8.60 -25.26 -19.84
N ALA A 203 -8.47 -25.37 -21.15
CA ALA A 203 -8.44 -26.67 -21.82
C ALA A 203 -7.04 -27.27 -21.80
N GLU A 204 -6.94 -28.60 -21.73
CA GLU A 204 -5.60 -29.17 -21.59
C GLU A 204 -4.75 -28.98 -22.83
N ASP A 205 -5.36 -29.02 -24.02
CA ASP A 205 -4.56 -28.86 -25.23
C ASP A 205 -4.29 -27.39 -25.56
N ALA A 206 -4.63 -26.51 -24.63
CA ALA A 206 -4.25 -25.09 -24.69
C ALA A 206 -2.93 -24.83 -23.97
N LEU A 207 -2.52 -25.78 -23.13
CA LEU A 207 -1.38 -25.61 -22.25
C LEU A 207 -0.10 -26.23 -22.81
N SER A 208 1.01 -25.54 -22.60
CA SER A 208 2.33 -26.07 -22.92
C SER A 208 3.37 -25.25 -22.17
N ASP A 209 4.60 -25.75 -22.11
CA ASP A 209 5.68 -25.03 -21.43
C ASP A 209 5.73 -23.57 -21.91
N ALA A 210 5.56 -23.38 -23.22
CA ALA A 210 5.75 -22.07 -23.86
C ALA A 210 4.71 -21.03 -23.48
N VAL A 211 3.52 -21.51 -23.10
CA VAL A 211 2.42 -20.68 -22.61
C VAL A 211 2.62 -20.12 -21.18
N ILE A 212 3.22 -20.92 -20.30
CA ILE A 212 3.34 -20.57 -18.89
C ILE A 212 4.11 -19.28 -18.62
N CYS A 213 3.44 -18.35 -17.94
CA CYS A 213 3.97 -17.01 -17.71
C CYS A 213 4.34 -16.33 -19.01
N ALA A 214 3.50 -16.53 -20.01
CA ALA A 214 3.67 -15.92 -21.32
C ALA A 214 2.31 -15.45 -21.83
N ASP A 215 1.33 -16.35 -21.87
CA ASP A 215 -0.05 -15.99 -22.24
C ASP A 215 -0.89 -15.66 -21.02
N TYR A 216 -0.80 -14.43 -20.53
CA TYR A 216 -1.54 -14.09 -19.33
C TYR A 216 -3.02 -13.90 -19.64
N GLY A 217 -3.43 -14.34 -20.83
CA GLY A 217 -4.84 -14.38 -21.18
C GLY A 217 -5.48 -15.65 -20.65
N LEU A 218 -4.67 -16.67 -20.43
CA LEU A 218 -5.09 -17.87 -19.73
C LEU A 218 -4.98 -17.62 -18.23
N TRP A 219 -6.11 -17.62 -17.53
CA TRP A 219 -6.07 -17.48 -16.08
C TRP A 219 -7.29 -18.08 -15.42
N SER A 220 -7.13 -18.37 -14.13
CA SER A 220 -8.20 -18.86 -13.28
C SER A 220 -8.78 -17.73 -12.43
N ALA A 221 -10.08 -17.74 -12.23
CA ALA A 221 -10.70 -16.78 -11.33
C ALA A 221 -10.64 -17.27 -9.87
N ARG A 222 -10.03 -18.42 -9.64
CA ARG A 222 -10.08 -18.96 -8.30
C ARG A 222 -8.73 -19.35 -7.73
N ALA A 223 -7.71 -19.36 -8.59
CA ALA A 223 -6.36 -19.70 -8.18
C ALA A 223 -5.77 -18.66 -7.24
N SER A 224 -5.16 -19.12 -6.14
CA SER A 224 -4.34 -18.25 -5.33
C SER A 224 -3.04 -18.97 -4.94
N CYS A 225 -1.92 -18.58 -5.54
CA CYS A 225 -0.67 -19.31 -5.33
C CYS A 225 0.38 -18.50 -4.61
N SER A 226 1.06 -19.15 -3.68
CA SER A 226 2.06 -18.53 -2.83
C SER A 226 3.30 -19.42 -2.80
N SER A 227 4.44 -18.85 -3.20
CA SER A 227 5.66 -19.62 -3.35
C SER A 227 6.51 -19.46 -2.08
N GLY A 228 7.37 -20.43 -1.77
CA GLY A 228 8.18 -20.32 -0.59
C GLY A 228 9.41 -21.20 -0.64
N ILE A 229 10.46 -20.78 0.07
CA ILE A 229 11.71 -21.51 0.05
C ILE A 229 11.65 -22.75 0.92
N GLU A 230 10.63 -22.85 1.75
CA GLU A 230 10.60 -23.85 2.82
C GLU A 230 9.93 -25.18 2.51
N LEU A 231 9.51 -25.42 1.27
CA LEU A 231 8.97 -26.72 0.96
C LEU A 231 9.42 -27.19 -0.42
N LEU A 232 9.46 -28.50 -0.65
CA LEU A 232 9.87 -28.98 -1.97
C LEU A 232 8.68 -29.43 -2.83
N GLY A 233 7.53 -29.64 -2.18
CA GLY A 233 6.29 -29.98 -2.87
C GLY A 233 5.21 -28.90 -2.82
N HIS A 234 3.94 -29.33 -2.77
CA HIS A 234 2.81 -28.38 -2.73
C HIS A 234 1.84 -28.67 -1.60
N GLU A 235 1.20 -27.63 -1.08
CA GLU A 235 0.03 -27.79 -0.20
C GLU A 235 -1.17 -27.22 -0.93
N ILE A 236 -2.26 -27.98 -0.98
CA ILE A 236 -3.46 -27.52 -1.65
C ILE A 236 -4.64 -27.43 -0.66
N VAL A 237 -5.35 -26.30 -0.69
CA VAL A 237 -6.54 -26.16 0.12
C VAL A 237 -7.65 -25.60 -0.75
N VAL A 238 -8.73 -26.37 -0.90
CA VAL A 238 -9.90 -25.95 -1.70
C VAL A 238 -11.02 -25.46 -0.79
N LEU A 239 -11.52 -24.26 -1.05
CA LEU A 239 -12.65 -23.69 -0.31
C LEU A 239 -13.85 -23.52 -1.23
N GLY A 240 -15.02 -23.95 -0.78
CA GLY A 240 -16.18 -23.87 -1.63
C GLY A 240 -17.46 -23.96 -0.83
N SER A 242 -21.04 -26.26 -0.38
CA SER A 242 -21.49 -27.62 -0.57
C SER A 242 -22.79 -27.88 0.16
N GLU A 243 -23.66 -28.66 -0.46
CA GLU A 243 -24.88 -29.13 0.18
C GLU A 243 -24.57 -30.07 1.36
N GLY A 244 -23.44 -30.78 1.28
CA GLY A 244 -23.09 -31.78 2.28
C GLY A 244 -22.35 -31.24 3.48
N TRP A 245 -22.31 -29.92 3.59
CA TRP A 245 -21.75 -29.21 4.73
C TRP A 245 -22.80 -28.28 5.34
N SER A 246 -22.70 -27.98 6.63
CA SER A 246 -23.56 -26.95 7.22
C SER A 246 -22.80 -26.09 8.23
N GLY A 247 -23.43 -25.00 8.64
CA GLY A 247 -22.82 -24.08 9.57
C GLY A 247 -23.12 -22.67 9.13
N PRO A 248 -22.67 -21.70 9.92
CA PRO A 248 -22.97 -20.30 9.64
C PRO A 248 -22.13 -19.71 8.50
N LEU A 249 -20.99 -20.31 8.23
CA LEU A 249 -20.04 -19.67 7.33
C LEU A 249 -20.30 -20.01 5.86
N ALA A 250 -20.35 -18.97 5.03
CA ALA A 250 -20.33 -19.13 3.57
C ALA A 250 -19.13 -18.42 2.96
N ILE A 251 -18.87 -18.69 1.68
CA ILE A 251 -17.76 -18.02 1.01
C ILE A 251 -18.26 -17.50 -0.31
N ALA A 252 -17.81 -16.31 -0.67
CA ALA A 252 -18.11 -15.72 -1.96
C ALA A 252 -16.79 -15.23 -2.53
N HIS A 253 -16.71 -15.02 -3.83
CA HIS A 253 -15.46 -14.56 -4.46
C HIS A 253 -15.73 -13.73 -5.69
N GLY A 254 -14.69 -13.04 -6.15
CA GLY A 254 -14.76 -12.24 -7.35
C GLY A 254 -13.36 -11.96 -7.87
N VAL A 255 -13.27 -11.31 -9.03
CA VAL A 255 -11.96 -11.01 -9.60
C VAL A 255 -11.73 -9.52 -9.69
N ALA A 257 -10.32 -6.49 -11.34
CA ALA A 257 -9.89 -6.19 -12.69
C ALA A 257 -8.50 -5.57 -12.66
N ASP A 258 -8.27 -4.73 -11.65
CA ASP A 258 -6.94 -4.19 -11.38
C ASP A 258 -6.75 -3.92 -9.88
N ALA A 259 -5.64 -3.26 -9.54
CA ALA A 259 -5.18 -3.13 -8.17
C ALA A 259 -6.09 -2.25 -7.32
N ILE A 260 -6.96 -1.46 -7.94
CA ILE A 260 -7.84 -0.63 -7.13
C ILE A 260 -9.30 -0.95 -7.38
N ASP A 261 -9.56 -2.13 -7.94
CA ASP A 261 -10.92 -2.56 -8.21
C ASP A 261 -11.52 -3.22 -6.98
N VAL A 262 -12.17 -2.42 -6.13
CA VAL A 262 -12.64 -2.92 -4.83
C VAL A 262 -14.07 -3.37 -4.91
N THR A 263 -14.67 -3.29 -6.10
CA THR A 263 -16.08 -3.63 -6.30
C THR A 263 -16.44 -5.12 -6.06
N PRO A 264 -15.55 -6.07 -6.47
CA PRO A 264 -15.72 -7.50 -6.19
C PRO A 264 -15.95 -7.84 -4.72
N VAL A 265 -15.32 -7.11 -3.81
CA VAL A 265 -15.49 -7.36 -2.38
C VAL A 265 -16.87 -6.88 -1.89
N LYS A 266 -17.28 -5.71 -2.35
CA LYS A 266 -18.58 -5.19 -1.94
C LYS A 266 -19.66 -6.14 -2.48
N ALA A 267 -19.47 -6.64 -3.70
CA ALA A 267 -20.42 -7.57 -4.30
C ALA A 267 -20.38 -8.91 -3.56
N ALA A 268 -19.19 -9.33 -3.16
CA ALA A 268 -19.04 -10.57 -2.42
C ALA A 268 -19.79 -10.48 -1.08
N LEU A 269 -19.61 -9.38 -0.36
CA LEU A 269 -20.31 -9.17 0.90
C LEU A 269 -21.84 -9.18 0.72
N SER A 270 -22.33 -8.63 -0.39
CA SER A 270 -23.76 -8.70 -0.70
C SER A 270 -24.25 -10.13 -0.86
N ALA A 271 -23.53 -10.90 -1.68
CA ALA A 271 -23.88 -12.30 -1.92
C ALA A 271 -23.99 -13.08 -0.61
N LEU A 272 -23.08 -12.79 0.31
CA LEU A 272 -23.01 -13.43 1.63
C LEU A 272 -24.01 -12.89 2.67
N GLY A 273 -24.70 -11.80 2.32
CA GLY A 273 -25.63 -11.16 3.24
C GLY A 273 -24.95 -10.61 4.49
N ALA A 274 -23.73 -10.13 4.31
CA ALA A 274 -22.95 -9.60 5.41
C ALA A 274 -22.45 -8.19 5.10
N GLU A 275 -22.11 -7.44 6.14
CA GLU A 275 -21.49 -6.14 5.92
C GLU A 275 -20.08 -6.12 6.49
N ALA A 276 -19.24 -5.26 5.92
CA ALA A 276 -17.86 -5.13 6.35
C ALA A 276 -17.75 -4.91 7.86
N GLY A 277 -16.82 -5.61 8.48
CA GLY A 277 -16.59 -5.48 9.91
C GLY A 277 -15.34 -6.24 10.29
N GLU A 278 -14.94 -6.09 11.55
CA GLU A 278 -13.73 -6.74 12.04
C GLU A 278 -13.79 -8.23 11.71
N ALA A 279 -14.99 -8.78 11.70
CA ALA A 279 -15.15 -10.22 11.50
C ALA A 279 -15.00 -10.68 10.06
N THR A 280 -15.11 -9.78 9.09
CA THR A 280 -14.96 -10.18 7.68
C THR A 280 -13.57 -10.80 7.43
N ILE A 281 -13.55 -11.96 6.78
CA ILE A 281 -12.29 -12.58 6.40
C ILE A 281 -12.02 -12.34 4.92
N VAL A 282 -10.86 -11.81 4.58
CA VAL A 282 -10.54 -11.51 3.19
C VAL A 282 -9.29 -12.20 2.71
N LEU A 283 -9.37 -12.89 1.57
CA LEU A 283 -8.18 -13.47 0.94
C LEU A 283 -8.06 -12.89 -0.47
N ALA A 284 -6.93 -12.27 -0.79
CA ALA A 284 -6.84 -11.62 -2.09
C ALA A 284 -5.46 -11.75 -2.72
N LYS A 285 -5.42 -11.79 -4.05
CA LYS A 285 -4.15 -11.74 -4.77
C LYS A 285 -3.90 -10.33 -5.32
N ALA A 286 -2.70 -9.80 -5.09
CA ALA A 286 -2.34 -8.50 -5.64
C ALA A 286 -1.20 -8.69 -6.62
N GLU A 287 -1.27 -8.00 -7.75
CA GLU A 287 -0.25 -8.15 -8.78
C GLU A 287 0.10 -6.84 -9.43
N PRO A 288 1.40 -6.54 -9.56
CA PRO A 288 1.74 -5.35 -10.36
C PRO A 288 1.44 -5.65 -11.82
N SER A 289 0.78 -4.72 -12.49
CA SER A 289 0.37 -4.95 -13.87
C SER A 289 1.57 -4.84 -14.81
N ARG A 290 1.69 -5.79 -15.74
CA ARG A 290 2.86 -5.85 -16.61
C ARG A 290 2.85 -4.81 -17.71
N SER A 291 1.72 -4.13 -17.88
CA SER A 291 1.61 -3.00 -18.81
C SER A 291 2.37 -1.82 -18.26
N GLY A 292 2.67 -1.89 -16.97
CA GLY A 292 3.33 -0.81 -16.28
C GLY A 292 2.38 0.32 -15.97
N ARG A 293 1.09 0.11 -16.22
CA ARG A 293 0.09 1.16 -15.99
C ARG A 293 -1.10 0.64 -15.20
N ILE A 294 -1.72 1.53 -14.43
CA ILE A 294 -3.05 1.28 -13.87
C ILE A 294 -4.01 2.36 -14.38
N ARG A 295 -5.01 1.92 -15.14
CA ARG A 295 -6.04 2.78 -15.74
C ARG A 295 -5.42 3.97 -16.48
N GLY A 296 -4.40 3.66 -17.28
CA GLY A 296 -3.70 4.62 -18.12
C GLY A 296 -2.50 5.28 -17.45
N LYS A 297 -2.45 5.25 -16.13
CA LYS A 297 -1.46 5.99 -15.35
C LYS A 297 -0.27 5.08 -15.04
N ARG A 298 0.95 5.54 -15.28
CA ARG A 298 2.10 4.65 -15.09
C ARG A 298 2.33 4.39 -13.61
N HIS A 299 2.86 3.21 -13.30
CA HIS A 299 3.28 2.92 -11.94
C HIS A 299 4.74 2.52 -12.01
N THR A 300 5.40 2.44 -10.87
CA THR A 300 6.83 2.20 -10.87
C THR A 300 7.23 0.86 -10.26
N LEU A 302 7.46 -2.22 -11.39
CA LEU A 302 8.30 -3.12 -12.16
C LEU A 302 9.70 -2.59 -12.39
N ASP A 303 9.97 -1.36 -11.95
CA ASP A 303 11.22 -0.68 -12.29
C ASP A 303 12.09 -0.40 -11.07
N ASP A 304 11.70 -0.92 -9.92
CA ASP A 304 12.31 -0.55 -8.64
C ASP A 304 13.28 -1.60 -8.14
N SER A 305 14.57 -1.27 -8.14
CA SER A 305 15.59 -2.22 -7.69
C SER A 305 15.81 -2.26 -6.16
N ASP A 306 15.09 -1.40 -5.44
CA ASP A 306 15.19 -1.37 -4.00
C ASP A 306 14.10 -2.26 -3.41
N ILE A 307 12.87 -2.03 -3.83
CA ILE A 307 11.72 -2.81 -3.37
C ILE A 307 11.15 -3.68 -4.51
N SER A 308 11.17 -4.99 -4.27
CA SER A 308 10.66 -6.00 -5.22
C SER A 308 9.15 -5.83 -5.52
N PRO A 309 8.74 -5.97 -6.79
CA PRO A 309 7.37 -5.60 -7.23
C PRO A 309 6.22 -6.11 -6.37
N THR A 310 6.20 -7.40 -6.04
CA THR A 310 5.12 -7.93 -5.22
C THR A 310 5.02 -7.26 -3.86
N ARG A 311 6.16 -6.84 -3.34
CA ARG A 311 6.21 -6.07 -2.11
C ARG A 311 5.34 -4.80 -2.23
N HIS A 312 5.50 -4.08 -3.35
CA HIS A 312 4.64 -2.93 -3.67
C HIS A 312 3.18 -3.36 -3.76
N ALA A 313 2.91 -4.30 -4.67
CA ALA A 313 1.54 -4.72 -4.97
C ALA A 313 0.77 -5.06 -3.70
N ARG A 314 1.43 -5.80 -2.81
CA ARG A 314 0.80 -6.20 -1.55
C ARG A 314 0.41 -4.99 -0.71
N ALA A 315 1.39 -4.14 -0.39
CA ALA A 315 1.11 -2.93 0.39
C ALA A 315 -0.04 -2.13 -0.24
N PHE A 316 -0.02 -1.98 -1.55
CA PHE A 316 -1.01 -1.16 -2.24
C PHE A 316 -2.39 -1.76 -2.18
N VAL A 317 -2.53 -3.01 -2.61
CA VAL A 317 -3.83 -3.64 -2.58
C VAL A 317 -4.33 -3.85 -1.14
N ALA A 318 -3.44 -4.10 -0.18
CA ALA A 318 -3.87 -4.28 1.21
C ALA A 318 -4.57 -3.01 1.69
N GLY A 319 -4.00 -1.86 1.33
CA GLY A 319 -4.58 -0.59 1.66
C GLY A 319 -5.95 -0.41 1.04
N ALA A 320 -6.10 -0.70 -0.25
CA ALA A 320 -7.41 -0.57 -0.88
C ALA A 320 -8.48 -1.42 -0.15
N LEU A 321 -8.22 -2.71 0.03
CA LEU A 321 -9.18 -3.61 0.69
C LEU A 321 -9.45 -3.23 2.15
N ALA A 322 -8.40 -2.89 2.88
CA ALA A 322 -8.51 -2.47 4.27
C ALA A 322 -9.39 -1.23 4.39
N GLY A 323 -9.30 -0.35 3.40
CA GLY A 323 -10.14 0.83 3.37
C GLY A 323 -11.62 0.51 3.21
N VAL A 324 -11.92 -0.67 2.69
CA VAL A 324 -13.29 -1.06 2.41
C VAL A 324 -13.82 -1.87 3.57
N VAL A 325 -12.98 -2.75 4.08
CA VAL A 325 -13.46 -3.73 5.03
C VAL A 325 -13.22 -3.22 6.46
N GLY A 326 -12.46 -2.14 6.60
CA GLY A 326 -12.34 -1.50 7.91
C GLY A 326 -11.32 -2.02 8.93
N HIS A 327 -10.51 -3.00 8.54
CA HIS A 327 -9.46 -3.51 9.41
C HIS A 327 -8.29 -4.03 8.60
N THR A 328 -7.21 -4.36 9.29
CA THR A 328 -5.97 -4.69 8.59
C THR A 328 -5.55 -6.13 8.74
N GLU A 329 -6.37 -6.94 9.38
CA GLU A 329 -6.04 -8.35 9.54
C GLU A 329 -6.56 -9.12 8.33
N ILE A 330 -6.03 -8.80 7.14
CA ILE A 330 -6.44 -9.45 5.90
C ILE A 330 -5.29 -10.22 5.22
N TYR A 331 -5.63 -11.27 4.48
CA TYR A 331 -4.64 -12.11 3.82
C TYR A 331 -4.47 -11.63 2.38
N VAL A 332 -3.37 -10.92 2.12
CA VAL A 332 -3.06 -10.44 0.77
C VAL A 332 -1.73 -11.02 0.31
N SER A 333 -1.73 -11.57 -0.89
CA SER A 333 -0.60 -12.33 -1.40
C SER A 333 -0.19 -11.77 -2.77
N GLY A 334 1.11 -11.61 -3.01
CA GLY A 334 1.58 -10.92 -4.21
C GLY A 334 1.90 -11.83 -5.37
N GLY A 335 1.81 -11.31 -6.59
CA GLY A 335 2.17 -12.07 -7.78
C GLY A 335 1.00 -12.90 -8.29
N GLY A 336 0.35 -12.41 -9.33
CA GLY A 336 -0.87 -13.05 -9.77
C GLY A 336 -0.77 -13.66 -11.13
N GLU A 337 0.35 -14.36 -11.37
CA GLU A 337 0.57 -15.06 -12.64
C GLU A 337 -0.57 -16.04 -12.92
N HIS A 338 -1.35 -15.79 -13.97
CA HIS A 338 -2.50 -16.63 -14.30
C HIS A 338 -3.54 -16.70 -13.19
N GLN A 339 -3.48 -15.74 -12.28
CA GLN A 339 -4.47 -15.64 -11.22
C GLN A 339 -5.29 -14.38 -11.43
N GLY A 340 -6.38 -14.48 -12.15
CA GLY A 340 -7.08 -13.29 -12.59
C GLY A 340 -6.31 -12.73 -13.77
N PRO A 341 -6.84 -11.68 -14.37
CA PRO A 341 -6.26 -10.94 -15.50
C PRO A 341 -4.91 -10.31 -15.17
N ASP A 342 -4.15 -9.89 -16.18
CA ASP A 342 -2.89 -9.21 -15.87
C ASP A 342 -3.16 -7.92 -15.08
N GLY A 343 -2.59 -7.86 -13.87
CA GLY A 343 -2.76 -6.67 -13.05
C GLY A 343 -3.87 -6.87 -12.05
N GLY A 344 -4.63 -7.95 -12.20
CA GLY A 344 -5.68 -8.23 -11.24
C GLY A 344 -5.42 -9.49 -10.42
N GLY A 345 -6.46 -9.98 -9.77
CA GLY A 345 -6.32 -11.17 -8.98
C GLY A 345 -7.65 -11.50 -8.34
N PRO A 346 -7.82 -12.77 -7.95
CA PRO A 346 -9.03 -13.19 -7.23
C PRO A 346 -9.07 -12.56 -5.84
N VAL A 347 -10.29 -12.31 -5.38
CA VAL A 347 -10.49 -11.98 -3.98
C VAL A 347 -11.67 -12.81 -3.50
N ALA A 348 -11.55 -13.38 -2.32
CA ALA A 348 -12.64 -14.16 -1.73
C ALA A 348 -12.96 -13.60 -0.36
N VAL A 349 -14.21 -13.73 0.05
CA VAL A 349 -14.62 -13.28 1.37
C VAL A 349 -15.29 -14.41 2.08
N ILE A 350 -15.05 -14.51 3.38
CA ILE A 350 -15.70 -15.55 4.20
C ILE A 350 -16.43 -14.91 5.34
N ALA A 351 -17.75 -15.02 5.34
CA ALA A 351 -18.55 -14.34 6.35
C ALA A 351 -19.73 -15.18 6.83
N ALA A 352 -20.33 -14.81 7.96
CA ALA A 352 -21.61 -15.39 8.33
C ALA A 352 -22.75 -14.48 7.87
N ARG A 353 -23.92 -15.06 7.60
CA ARG A 353 -25.07 -14.28 7.16
C ARG A 353 -25.72 -13.52 8.30
N THR A 354 -26.02 -12.23 8.05
CA THR A 354 -26.82 -11.43 8.97
C THR A 354 -28.01 -10.79 8.24
N PRO B 2 -9.14 37.34 -9.59
CA PRO B 2 -8.16 36.30 -9.93
C PRO B 2 -8.80 34.91 -10.01
N ILE B 3 -8.24 34.08 -10.89
CA ILE B 3 -8.74 32.73 -11.13
C ILE B 3 -7.68 31.70 -10.75
N ALA B 4 -8.08 30.71 -9.96
CA ALA B 4 -7.21 29.59 -9.71
C ALA B 4 -7.40 28.55 -10.81
N LYS B 5 -6.29 28.11 -11.40
CA LYS B 5 -6.27 26.98 -12.33
C LYS B 5 -5.21 25.95 -11.93
N VAL B 6 -5.64 24.70 -11.71
CA VAL B 6 -4.70 23.64 -11.31
C VAL B 6 -4.56 22.57 -12.39
N HIS B 7 -3.32 22.31 -12.80
CA HIS B 7 -3.06 21.38 -13.90
C HIS B 7 -2.23 20.17 -13.49
N ARG B 8 -2.77 18.98 -13.68
CA ARG B 8 -2.04 17.76 -13.34
C ARG B 8 -1.37 17.13 -14.56
N ILE B 9 -0.04 17.13 -14.53
CA ILE B 9 0.78 16.76 -15.68
C ILE B 9 1.53 15.46 -15.43
N ALA B 10 1.37 14.47 -16.32
CA ALA B 10 2.10 13.21 -16.21
C ALA B 10 3.60 13.37 -16.50
N THR B 11 4.41 12.50 -15.89
CA THR B 11 5.86 12.50 -16.07
C THR B 11 6.35 11.05 -16.18
N ALA B 12 7.33 10.83 -17.06
CA ALA B 12 7.91 9.50 -17.25
C ALA B 12 9.20 9.34 -16.47
N SER B 13 9.59 10.39 -15.78
CA SER B 13 10.95 10.54 -15.31
C SER B 13 11.02 11.80 -14.45
N PRO B 14 11.93 11.82 -13.48
CA PRO B 14 12.11 13.04 -12.67
C PRO B 14 12.53 14.26 -13.50
N ASP B 15 13.25 14.01 -14.59
CA ASP B 15 13.72 15.07 -15.47
C ASP B 15 12.83 15.25 -16.69
N ASP B 16 11.70 14.55 -16.73
CA ASP B 16 10.82 14.63 -17.90
C ASP B 16 9.85 15.80 -17.81
N VAL B 17 10.22 16.92 -18.39
CA VAL B 17 9.37 18.09 -18.29
C VAL B 17 8.57 18.28 -19.58
N SER B 18 8.63 17.28 -20.45
CA SER B 18 8.02 17.37 -21.78
C SER B 18 6.54 17.75 -21.74
N GLY B 19 5.82 17.26 -20.74
CA GLY B 19 4.39 17.48 -20.69
C GLY B 19 4.02 18.88 -20.22
N LEU B 20 4.86 19.46 -19.38
CA LEU B 20 4.63 20.83 -18.91
C LEU B 20 5.01 21.82 -20.01
N ALA B 21 6.10 21.52 -20.70
CA ALA B 21 6.50 22.24 -21.89
C ALA B 21 5.33 22.31 -22.87
N ALA B 22 4.66 21.18 -23.07
CA ALA B 22 3.55 21.07 -24.02
C ALA B 22 2.36 21.95 -23.63
N ALA B 23 2.00 21.98 -22.34
CA ALA B 23 0.88 22.81 -21.89
C ALA B 23 1.19 24.32 -22.07
N ILE B 24 2.48 24.65 -22.02
CA ILE B 24 2.94 26.00 -22.28
C ILE B 24 2.89 26.31 -23.78
N ALA B 25 3.31 25.34 -24.60
CA ALA B 25 3.29 25.44 -26.05
C ALA B 25 1.86 25.58 -26.62
N THR B 26 0.91 24.86 -26.03
CA THR B 26 -0.49 24.97 -26.47
C THR B 26 -1.24 26.08 -25.74
N GLY B 27 -0.52 26.85 -24.91
CA GLY B 27 -1.10 27.97 -24.21
C GLY B 27 -2.17 27.62 -23.20
N ALA B 28 -2.27 26.32 -22.86
CA ALA B 28 -3.15 25.89 -21.76
C ALA B 28 -2.65 26.45 -20.41
N ILE B 29 -1.33 26.55 -20.28
CA ILE B 29 -0.68 27.16 -19.12
C ILE B 29 0.25 28.31 -19.53
N ALA B 30 0.12 29.46 -18.87
CA ALA B 30 0.99 30.62 -19.13
C ALA B 30 2.09 30.79 -18.08
N PRO B 31 3.37 30.63 -18.50
CA PRO B 31 4.53 30.62 -17.59
C PRO B 31 4.54 31.77 -16.58
N ALA B 32 4.11 32.94 -17.02
CA ALA B 32 4.05 34.11 -16.16
C ALA B 32 3.20 33.90 -14.88
N GLY B 33 2.17 33.05 -14.98
CA GLY B 33 1.21 32.88 -13.91
C GLY B 33 1.42 31.65 -13.00
N ILE B 34 2.56 30.98 -13.19
CA ILE B 34 2.85 29.80 -12.37
C ILE B 34 3.30 30.21 -10.97
N LEU B 35 2.52 29.82 -9.97
CA LEU B 35 2.81 30.17 -8.57
C LEU B 35 3.69 29.11 -7.89
N ALA B 36 3.27 27.85 -8.01
CA ALA B 36 3.96 26.74 -7.37
C ALA B 36 3.72 25.45 -8.16
N ILE B 37 4.67 24.53 -8.05
CA ILE B 37 4.51 23.20 -8.62
C ILE B 37 4.76 22.13 -7.56
N PHE B 38 3.76 21.27 -7.33
CA PHE B 38 3.91 20.10 -6.46
C PHE B 38 4.28 18.91 -7.32
N GLY B 39 4.97 17.95 -6.74
CA GLY B 39 5.36 16.77 -7.50
C GLY B 39 5.42 15.51 -6.69
N LYS B 40 5.15 14.39 -7.36
CA LYS B 40 5.52 13.08 -6.84
C LYS B 40 6.62 12.53 -7.74
N THR B 41 7.79 12.26 -7.15
CA THR B 41 8.92 11.74 -7.91
C THR B 41 9.29 10.30 -7.46
N GLU B 42 9.96 9.57 -8.34
CA GLU B 42 10.25 8.13 -8.15
C GLU B 42 11.31 7.73 -7.10
N GLY B 43 11.84 8.69 -6.35
CA GLY B 43 12.86 8.41 -5.33
C GLY B 43 12.35 7.58 -4.16
N ASN B 44 13.17 7.39 -3.13
CA ASN B 44 12.69 6.61 -2.00
C ASN B 44 11.93 7.49 -1.00
N GLY B 45 11.87 8.78 -1.28
CA GLY B 45 11.13 9.71 -0.45
C GLY B 45 11.78 9.97 0.88
N CYS B 46 13.04 9.56 1.03
CA CYS B 46 13.73 9.73 2.31
C CYS B 46 14.97 10.60 2.21
N VAL B 47 16.06 10.18 2.84
CA VAL B 47 17.24 11.04 2.91
C VAL B 47 17.99 11.08 1.58
N ASN B 48 18.47 9.93 1.11
CA ASN B 48 19.21 9.89 -0.14
C ASN B 48 18.27 9.70 -1.35
N ASP B 49 17.39 10.68 -1.53
CA ASP B 49 16.47 10.72 -2.66
C ASP B 49 16.90 11.86 -3.56
N PHE B 50 17.46 11.53 -4.70
CA PHE B 50 17.94 12.57 -5.60
C PHE B 50 17.00 12.78 -6.77
N SER B 51 15.90 12.04 -6.80
CA SER B 51 14.90 12.28 -7.80
C SER B 51 14.25 13.63 -7.49
N ARG B 52 14.20 14.00 -6.22
CA ARG B 52 13.62 15.30 -5.85
C ARG B 52 14.44 16.44 -6.45
N GLY B 53 15.72 16.48 -6.09
CA GLY B 53 16.62 17.53 -6.54
C GLY B 53 16.79 17.50 -8.05
N PHE B 54 16.75 16.30 -8.62
CA PHE B 54 16.82 16.12 -10.07
C PHE B 54 15.64 16.80 -10.77
N ALA B 55 14.43 16.63 -10.25
CA ALA B 55 13.26 17.27 -10.85
C ALA B 55 13.37 18.77 -10.71
N VAL B 56 13.84 19.22 -9.56
CA VAL B 56 13.91 20.64 -9.29
C VAL B 56 14.80 21.34 -10.32
N GLN B 57 15.99 20.81 -10.54
CA GLN B 57 16.90 21.35 -11.53
C GLN B 57 16.23 21.37 -12.91
N SER B 58 15.55 20.28 -13.24
CA SER B 58 14.91 20.19 -14.54
C SER B 58 13.78 21.22 -14.69
N LEU B 59 12.99 21.40 -13.63
CA LEU B 59 11.95 22.42 -13.65
C LEU B 59 12.56 23.84 -13.64
N GLN B 60 13.67 24.03 -12.93
CA GLN B 60 14.35 25.32 -12.90
C GLN B 60 14.75 25.74 -14.31
N LEU B 62 13.72 24.73 -17.29
CA LEU B 62 12.57 25.00 -18.14
C LEU B 62 11.88 26.31 -17.76
N LEU B 63 11.64 26.55 -16.48
CA LEU B 63 10.93 27.77 -16.10
C LEU B 63 11.77 29.04 -16.29
N ARG B 64 13.08 28.98 -16.04
CA ARG B 64 13.94 30.15 -16.22
C ARG B 64 13.97 30.53 -17.70
N GLY B 65 14.01 29.52 -18.56
CA GLY B 65 13.91 29.73 -19.99
C GLY B 65 12.77 30.66 -20.37
N HIS B 66 11.64 30.54 -19.68
CA HIS B 66 10.46 31.31 -20.05
C HIS B 66 10.21 32.60 -19.22
N GLY B 68 12.94 33.74 -16.84
CA GLY B 68 14.21 34.16 -16.28
C GLY B 68 14.21 34.14 -14.77
N ALA B 69 14.66 35.24 -14.17
CA ALA B 69 14.84 35.30 -12.73
C ALA B 69 13.52 35.22 -11.95
N ALA B 70 12.39 35.45 -12.61
CA ALA B 70 11.09 35.36 -11.95
C ALA B 70 10.64 33.91 -11.67
N ALA B 71 11.31 32.95 -12.32
CA ALA B 71 11.11 31.52 -12.06
C ALA B 71 11.44 31.19 -10.61
N ASP B 72 12.43 31.89 -10.07
CA ASP B 72 12.96 31.61 -8.75
C ASP B 72 11.95 31.91 -7.66
N GLU B 73 10.90 32.65 -8.00
CA GLU B 73 9.85 32.94 -7.03
C GLU B 73 8.76 31.85 -7.07
N VAL B 74 8.89 30.91 -7.99
CA VAL B 74 7.96 29.78 -8.08
C VAL B 74 8.30 28.75 -7.01
N CYS B 75 7.29 28.31 -6.27
CA CYS B 75 7.51 27.32 -5.24
C CYS B 75 7.57 25.92 -5.82
N LEU B 76 8.69 25.25 -5.57
CA LEU B 76 8.87 23.89 -6.05
C LEU B 76 8.82 22.93 -4.87
N VAL B 77 7.70 22.21 -4.75
CA VAL B 77 7.52 21.18 -3.73
C VAL B 77 7.62 19.76 -4.34
N SER B 79 7.89 16.15 -3.78
CA SER B 79 7.78 15.17 -2.72
C SER B 79 8.11 13.76 -3.24
N GLY B 80 9.19 13.17 -2.75
CA GLY B 80 9.62 11.87 -3.22
C GLY B 80 8.83 10.70 -2.64
N GLY B 81 9.01 9.53 -3.27
CA GLY B 81 8.38 8.30 -2.82
C GLY B 81 7.07 7.95 -3.52
N THR B 82 7.12 7.12 -4.54
CA THR B 82 5.89 6.73 -5.22
C THR B 82 5.72 5.22 -5.20
N GLU B 83 5.38 4.70 -4.02
CA GLU B 83 5.26 3.27 -3.77
C GLU B 83 3.92 2.77 -4.23
N GLY B 84 3.70 1.46 -4.18
CA GLY B 84 2.43 0.90 -4.63
C GLY B 84 2.15 1.31 -6.06
N GLY B 85 0.89 1.66 -6.34
CA GLY B 85 0.49 2.01 -7.69
C GLY B 85 0.51 3.50 -7.91
N SER B 87 1.09 6.97 -8.98
CA SER B 87 1.65 7.39 -10.26
C SER B 87 2.29 8.77 -10.19
N PRO B 88 3.57 8.88 -10.56
CA PRO B 88 4.31 10.14 -10.55
C PRO B 88 3.67 11.23 -11.41
N HIS B 89 3.54 12.42 -10.86
CA HIS B 89 2.93 13.52 -11.59
C HIS B 89 3.33 14.88 -11.04
N PHE B 90 3.13 15.93 -11.83
CA PHE B 90 3.31 17.32 -11.39
C PHE B 90 1.96 17.95 -11.14
N LEU B 91 1.89 18.80 -10.14
CA LEU B 91 0.68 19.57 -9.92
C LEU B 91 1.08 21.03 -10.10
N VAL B 92 0.65 21.62 -11.22
CA VAL B 92 0.98 23.01 -11.50
C VAL B 92 -0.13 23.97 -11.06
N PHE B 93 0.26 24.94 -10.24
CA PHE B 93 -0.68 25.92 -9.74
C PHE B 93 -0.45 27.25 -10.45
N GLU B 94 -1.41 27.66 -11.28
CA GLU B 94 -1.28 28.89 -12.07
C GLU B 94 -2.37 29.89 -11.66
N ARG B 95 -2.00 31.18 -11.65
CA ARG B 95 -2.96 32.25 -11.36
C ARG B 95 -3.47 32.92 -12.66
N ALA B 96 -4.80 33.08 -12.71
CA ALA B 96 -5.50 33.59 -13.89
C ALA B 96 -6.41 34.81 -13.60
N GLU B 97 -7.04 35.34 -14.65
CA GLU B 97 -7.85 36.57 -14.59
C GLU B 97 -9.33 36.29 -14.84
N PRO B 105 -17.32 32.76 -4.14
CA PRO B 105 -15.99 32.44 -3.60
C PRO B 105 -15.41 31.12 -4.15
N ALA B 106 -14.10 31.12 -4.46
CA ALA B 106 -13.44 29.97 -5.10
C ALA B 106 -11.97 29.81 -4.65
N LEU B 107 -11.29 28.82 -5.23
CA LEU B 107 -9.93 28.47 -4.83
C LEU B 107 -8.93 29.62 -4.92
N ALA B 108 -8.18 29.81 -3.84
CA ALA B 108 -7.13 30.81 -3.76
C ALA B 108 -5.76 30.20 -3.47
N ILE B 109 -4.72 30.86 -3.96
CA ILE B 109 -3.36 30.35 -3.85
C ILE B 109 -2.41 31.45 -3.38
N GLY B 110 -1.62 31.17 -2.35
CA GLY B 110 -0.63 32.12 -1.89
C GLY B 110 0.67 31.38 -1.67
N ARG B 111 1.79 32.05 -1.91
CA ARG B 111 3.09 31.43 -1.75
C ARG B 111 3.99 32.27 -0.83
N ALA B 112 5.11 31.70 -0.40
CA ALA B 112 6.09 32.43 0.41
C ALA B 112 7.41 31.66 0.56
N HIS B 113 8.47 32.37 0.90
CA HIS B 113 9.78 31.75 1.10
C HIS B 113 10.39 32.07 2.46
N THR B 114 11.51 31.42 2.74
CA THR B 114 12.29 31.70 3.94
C THR B 114 13.77 31.63 3.56
N PRO B 115 14.64 32.29 4.35
CA PRO B 115 16.10 32.28 4.16
C PRO B 115 16.67 30.91 4.44
N ASP B 116 17.97 30.68 4.28
CA ASP B 116 18.53 29.39 4.70
C ASP B 116 18.27 29.15 6.20
N LEU B 117 18.10 27.90 6.59
CA LEU B 117 17.86 27.55 7.99
C LEU B 117 19.13 27.00 8.63
N PRO B 118 19.62 27.69 9.65
CA PRO B 118 20.77 27.26 10.44
C PRO B 118 20.59 25.82 10.93
N PHE B 119 21.61 24.98 10.74
CA PHE B 119 21.50 23.55 11.06
C PHE B 119 21.14 23.34 12.53
N GLU B 120 21.47 24.32 13.37
CA GLU B 120 21.19 24.18 14.80
C GLU B 120 19.81 24.72 15.15
N ALA B 121 19.10 25.29 14.16
CA ALA B 121 17.74 25.76 14.37
C ALA B 121 16.72 24.69 13.98
N LEU B 122 17.15 23.73 13.17
CA LEU B 122 16.26 22.71 12.66
C LEU B 122 15.67 21.88 13.81
N GLY B 123 14.36 21.68 13.76
CA GLY B 123 13.69 20.89 14.78
C GLY B 123 13.54 21.59 16.11
N ARG B 124 13.74 22.90 16.10
CA ARG B 124 13.61 23.67 17.33
C ARG B 124 12.71 24.86 17.10
N GLY B 126 13.34 27.77 16.57
CA GLY B 126 13.83 28.60 15.48
C GLY B 126 13.02 28.35 14.23
N GLN B 127 12.98 27.09 13.82
CA GLN B 127 12.23 26.67 12.63
C GLN B 127 10.73 26.94 12.77
N VAL B 128 10.19 26.65 13.95
CA VAL B 128 8.77 26.86 14.19
C VAL B 128 8.37 28.29 13.88
N ARG B 129 9.18 29.24 14.34
CA ARG B 129 8.92 30.66 14.14
C ARG B 129 9.06 31.06 12.67
N VAL B 131 8.91 29.62 10.10
CA VAL B 131 7.87 29.04 9.24
C VAL B 131 6.50 29.65 9.53
N ALA B 132 6.23 29.93 10.80
CA ALA B 132 4.99 30.57 11.19
C ALA B 132 4.79 31.87 10.42
N GLN B 133 5.86 32.66 10.35
CA GLN B 133 5.86 33.93 9.61
C GLN B 133 5.54 33.80 8.12
N ALA B 134 6.26 32.91 7.45
CA ALA B 134 6.06 32.67 6.02
C ALA B 134 4.60 32.27 5.74
N VAL B 135 4.03 31.48 6.63
CA VAL B 135 2.65 31.05 6.45
C VAL B 135 1.70 32.23 6.53
N ARG B 136 2.02 33.19 7.40
CA ARG B 136 1.22 34.43 7.48
C ARG B 136 1.36 35.26 6.20
N ARG B 137 2.60 35.44 5.75
CA ARG B 137 2.90 36.18 4.52
C ARG B 137 2.18 35.57 3.31
N ALA B 138 2.37 34.27 3.13
CA ALA B 138 1.75 33.55 2.02
C ALA B 138 0.23 33.50 2.10
N ALA B 140 -1.50 35.78 3.37
CA ALA B 140 -1.88 37.15 3.04
C ALA B 140 -1.88 37.33 1.52
N ALA B 141 -0.79 36.91 0.89
CA ALA B 141 -0.63 37.00 -0.56
C ALA B 141 -1.74 36.23 -1.26
N ALA B 142 -2.34 35.28 -0.56
CA ALA B 142 -3.46 34.54 -1.12
C ALA B 142 -4.72 35.37 -1.03
N GLY B 143 -4.65 36.46 -0.27
CA GLY B 143 -5.82 37.27 -0.02
C GLY B 143 -6.78 36.57 0.90
N ILE B 144 -6.27 36.09 2.02
CA ILE B 144 -7.09 35.42 3.03
C ILE B 144 -6.80 36.00 4.43
N THR B 145 -7.86 36.38 5.16
CA THR B 145 -7.68 36.95 6.49
C THR B 145 -8.25 36.03 7.57
N ASP B 146 -9.32 35.31 7.24
CA ASP B 146 -9.92 34.36 8.18
C ASP B 146 -9.18 33.01 8.11
N PRO B 147 -8.58 32.57 9.22
CA PRO B 147 -7.89 31.28 9.21
C PRO B 147 -8.85 30.13 8.89
N GLU B 148 -10.13 30.30 9.22
CA GLU B 148 -11.15 29.28 8.99
C GLU B 148 -11.48 29.09 7.50
N ASP B 149 -10.92 29.95 6.66
CA ASP B 149 -11.09 29.84 5.20
C ASP B 149 -9.87 29.16 4.53
N VAL B 150 -8.88 28.76 5.34
CA VAL B 150 -7.74 27.99 4.85
C VAL B 150 -8.00 26.48 4.88
N HIS B 151 -7.60 25.78 3.83
CA HIS B 151 -7.92 24.36 3.72
C HIS B 151 -6.69 23.41 3.64
N PHE B 152 -5.52 23.93 3.27
CA PHE B 152 -4.34 23.09 3.10
C PHE B 152 -3.06 23.91 2.98
N VAL B 153 -2.08 23.69 3.85
CA VAL B 153 -0.82 24.42 3.77
C VAL B 153 0.36 23.49 3.53
N GLN B 154 0.92 23.55 2.34
CA GLN B 154 2.07 22.74 1.96
C GLN B 154 3.37 23.43 2.35
N VAL B 155 4.29 22.68 2.94
CA VAL B 155 5.61 23.21 3.28
C VAL B 155 6.71 22.30 2.79
N LYS B 156 7.73 22.86 2.14
CA LYS B 156 8.91 22.09 1.80
C LYS B 156 10.01 22.47 2.77
N CYS B 157 10.55 21.52 3.52
CA CYS B 157 11.56 21.88 4.52
C CYS B 157 12.88 21.09 4.36
N PRO B 158 13.94 21.52 5.06
CA PRO B 158 15.27 20.92 4.96
C PRO B 158 15.48 19.67 5.85
N LEU B 159 16.70 19.11 5.83
CA LEU B 159 17.05 17.98 6.68
C LEU B 159 18.55 17.95 7.01
N LEU B 160 19.00 16.97 7.79
CA LEU B 160 20.42 16.85 8.11
C LEU B 160 21.08 15.58 7.54
N THR B 161 22.30 15.72 7.01
CA THR B 161 23.14 14.57 6.64
C THR B 161 24.27 14.47 7.65
N ALA B 162 24.96 13.33 7.69
CA ALA B 162 26.10 13.14 8.59
C ALA B 162 27.12 14.27 8.40
N ARG B 164 26.50 17.24 7.17
CA ARG B 164 25.90 18.49 7.64
C ARG B 164 26.00 18.58 9.16
N VAL B 165 25.85 17.44 9.82
CA VAL B 165 25.96 17.37 11.28
C VAL B 165 27.36 17.73 11.78
N LYS B 166 28.40 17.16 11.16
CA LYS B 166 29.77 17.41 11.58
C LYS B 166 30.22 18.85 11.25
N GLU B 167 29.64 19.42 10.21
CA GLU B 167 29.85 20.83 9.86
C GLU B 167 29.30 21.74 10.96
N ALA B 168 28.14 21.35 11.50
CA ALA B 168 27.46 22.11 12.54
C ALA B 168 28.28 22.13 13.83
N GLU B 169 28.76 20.94 14.23
CA GLU B 169 29.58 20.72 15.43
C GLU B 169 30.95 21.40 15.34
N ALA B 170 31.45 21.53 14.12
CA ALA B 170 32.74 22.16 13.88
C ALA B 170 32.78 23.63 14.29
N ARG B 171 31.61 24.29 14.31
CA ARG B 171 31.54 25.69 14.72
C ARG B 171 30.83 25.84 16.07
N GLY B 172 30.83 24.76 16.84
CA GLY B 172 30.42 24.78 18.23
C GLY B 172 28.93 24.62 18.46
N ALA B 173 28.20 24.44 17.38
CA ALA B 173 26.76 24.30 17.49
C ALA B 173 26.41 22.84 17.70
N THR B 174 25.25 22.58 18.27
CA THR B 174 24.71 21.23 18.34
C THR B 174 23.42 21.16 17.53
N THR B 175 23.15 20.00 16.94
CA THR B 175 21.89 19.82 16.23
C THR B 175 20.92 18.98 17.07
N ALA B 176 19.64 18.99 16.68
CA ALA B 176 18.61 18.35 17.47
C ALA B 176 18.73 16.85 17.35
N THR B 177 19.51 16.41 16.36
CA THR B 177 19.73 14.97 16.16
C THR B 177 21.01 14.74 15.35
N SER B 178 21.48 13.50 15.36
CA SER B 178 22.57 13.07 14.48
C SER B 178 22.08 11.91 13.58
N ASP B 179 20.86 11.45 13.86
CA ASP B 179 20.17 10.48 13.01
C ASP B 179 19.58 11.25 11.86
N THR B 180 19.98 10.93 10.64
CA THR B 180 19.58 11.75 9.49
C THR B 180 18.09 11.61 9.15
N LEU B 181 17.55 10.40 9.28
CA LEU B 181 16.14 10.16 8.99
C LEU B 181 15.22 10.78 10.06
N LYS B 182 15.66 10.79 11.32
CA LYS B 182 14.93 11.45 12.39
C LYS B 182 14.84 12.96 12.10
N SER B 183 15.93 13.52 11.56
CA SER B 183 16.00 14.94 11.26
C SER B 183 14.93 15.39 10.26
N GLY B 185 11.88 14.05 10.33
CA GLY B 185 10.69 14.07 11.15
C GLY B 185 10.64 15.34 11.97
N LEU B 186 11.78 15.73 12.52
CA LEU B 186 11.86 16.93 13.33
C LEU B 186 11.52 18.16 12.47
N SER B 187 12.07 18.21 11.28
CA SER B 187 11.83 19.33 10.39
C SER B 187 10.36 19.43 9.97
N ARG B 188 9.75 18.30 9.60
CA ARG B 188 8.33 18.28 9.24
C ARG B 188 7.48 18.68 10.43
N GLY B 189 7.84 18.16 11.58
CA GLY B 189 7.08 18.44 12.79
C GLY B 189 7.18 19.90 13.19
N ALA B 190 8.40 20.41 13.26
CA ALA B 190 8.58 21.81 13.63
C ALA B 190 7.85 22.73 12.65
N SER B 191 7.99 22.47 11.36
CA SER B 191 7.26 23.21 10.34
C SER B 191 5.74 23.10 10.52
N ALA B 192 5.27 21.90 10.88
CA ALA B 192 3.84 21.67 11.05
C ALA B 192 3.29 22.52 12.20
N LEU B 193 4.03 22.58 13.29
CA LEU B 193 3.64 23.39 14.44
C LEU B 193 3.67 24.88 14.08
N GLY B 194 4.62 25.27 13.23
CA GLY B 194 4.67 26.64 12.74
C GLY B 194 3.40 27.00 11.99
N ILE B 195 2.96 26.10 11.11
CA ILE B 195 1.70 26.28 10.40
C ILE B 195 0.54 26.34 11.39
N ALA B 196 0.59 25.48 12.41
CA ALA B 196 -0.45 25.45 13.43
C ALA B 196 -0.50 26.80 14.13
N LEU B 197 0.68 27.32 14.45
CA LEU B 197 0.81 28.59 15.16
C LEU B 197 0.15 29.75 14.42
N ALA B 198 0.39 29.79 13.11
CA ALA B 198 -0.09 30.85 12.24
C ALA B 198 -1.60 30.76 11.99
N LEU B 199 -2.17 29.56 12.11
CA LEU B 199 -3.60 29.41 11.87
C LEU B 199 -4.36 29.47 13.18
N GLY B 200 -3.63 29.59 14.29
CA GLY B 200 -4.24 29.71 15.60
C GLY B 200 -4.77 28.41 16.18
N GLU B 201 -4.31 27.29 15.64
CA GLU B 201 -4.69 25.96 16.13
C GLU B 201 -3.91 25.59 17.39
N VAL B 202 -2.86 26.36 17.66
CA VAL B 202 -2.02 26.19 18.86
C VAL B 202 -1.64 27.53 19.49
N ALA B 203 -1.55 27.58 20.81
CA ALA B 203 -1.10 28.80 21.50
C ALA B 203 0.43 28.87 21.50
N GLU B 204 0.98 30.08 21.48
CA GLU B 204 2.43 30.25 21.33
C GLU B 204 3.24 29.78 22.55
N ASP B 205 2.69 30.00 23.74
CA ASP B 205 3.37 29.60 24.96
C ASP B 205 3.08 28.15 25.29
N ALA B 206 2.45 27.45 24.34
CA ALA B 206 2.25 26.02 24.43
C ALA B 206 3.47 25.31 23.83
N LEU B 207 4.27 26.09 23.10
CA LEU B 207 5.42 25.56 22.36
C LEU B 207 6.74 25.75 23.11
N SER B 208 7.63 24.78 22.98
CA SER B 208 9.00 24.86 23.45
C SER B 208 9.75 23.74 22.75
N ASP B 209 11.08 23.78 22.76
CA ASP B 209 11.86 22.73 22.12
C ASP B 209 11.40 21.34 22.55
N ALA B 210 11.12 21.17 23.84
CA ALA B 210 10.81 19.86 24.44
C ALA B 210 9.48 19.27 23.95
N VAL B 211 8.57 20.14 23.54
CA VAL B 211 7.27 19.74 23.00
C VAL B 211 7.34 19.13 21.59
N ILE B 212 8.23 19.66 20.74
CA ILE B 212 8.32 19.23 19.34
C ILE B 212 8.65 17.74 19.14
N CYS B 213 7.80 17.06 18.36
CA CYS B 213 7.93 15.62 18.15
C CYS B 213 7.97 14.87 19.47
N ALA B 214 7.15 15.32 20.41
CA ALA B 214 7.01 14.67 21.71
C ALA B 214 5.53 14.64 22.10
N ASP B 215 4.92 15.82 22.08
CA ASP B 215 3.49 15.96 22.35
C ASP B 215 2.73 15.84 21.03
N TYR B 216 2.53 14.62 20.55
CA TYR B 216 1.87 14.46 19.25
C TYR B 216 0.36 14.69 19.41
N GLY B 217 -0.02 15.24 20.56
CA GLY B 217 -1.38 15.68 20.80
C GLY B 217 -1.61 17.09 20.29
N LEU B 218 -0.53 17.85 20.11
CA LEU B 218 -0.63 19.14 19.43
C LEU B 218 -0.53 18.95 17.92
N TRP B 219 -1.61 19.27 17.21
CA TRP B 219 -1.57 19.15 15.75
C TRP B 219 -2.49 20.06 14.96
N SER B 220 -2.10 20.25 13.71
CA SER B 220 -2.87 21.01 12.73
C SER B 220 -3.67 20.07 11.87
N ALA B 221 -4.89 20.46 11.50
CA ALA B 221 -5.70 19.69 10.58
C ALA B 221 -5.38 20.05 9.12
N ARG B 222 -4.40 20.94 8.93
CA ARG B 222 -4.10 21.45 7.59
C ARG B 222 -2.62 21.44 7.19
N ALA B 223 -1.73 21.15 8.13
CA ALA B 223 -0.31 21.07 7.82
C ALA B 223 0.02 19.86 6.96
N SER B 224 0.79 20.10 5.90
CA SER B 224 1.35 19.03 5.10
C SER B 224 2.80 19.37 4.80
N CYS B 225 3.73 18.72 5.49
CA CYS B 225 5.13 19.08 5.42
C CYS B 225 5.97 17.99 4.77
N SER B 226 6.86 18.42 3.89
CA SER B 226 7.68 17.48 3.13
C SER B 226 9.13 17.93 3.18
N SER B 227 9.98 17.04 3.63
CA SER B 227 11.39 17.31 3.86
C SER B 227 12.19 16.87 2.65
N GLY B 228 13.33 17.51 2.45
CA GLY B 228 14.16 17.15 1.31
C GLY B 228 15.60 17.58 1.48
N ILE B 229 16.47 16.80 0.84
CA ILE B 229 17.91 17.04 0.91
C ILE B 229 18.34 18.21 0.03
N GLU B 230 17.46 18.66 -0.87
CA GLU B 230 17.85 19.61 -1.95
C GLU B 230 17.57 21.08 -1.68
N LEU B 231 17.10 21.44 -0.50
CA LEU B 231 16.98 22.86 -0.19
C LEU B 231 17.39 23.13 1.25
N LEU B 232 17.80 24.38 1.49
CA LEU B 232 18.28 24.80 2.82
C LEU B 232 17.29 25.72 3.55
N GLY B 233 16.32 26.30 2.83
CA GLY B 233 15.25 27.07 3.46
C GLY B 233 13.91 26.38 3.35
N HIS B 234 12.82 27.14 3.29
CA HIS B 234 11.46 26.57 3.20
C HIS B 234 10.66 27.13 2.02
N GLU B 235 9.77 26.30 1.47
CA GLU B 235 8.78 26.77 0.51
C GLU B 235 7.39 26.63 1.12
N ILE B 236 6.58 27.67 1.03
CA ILE B 236 5.23 27.63 1.59
C ILE B 236 4.18 27.86 0.50
N VAL B 237 3.13 27.05 0.48
CA VAL B 237 1.99 27.30 -0.40
C VAL B 237 0.67 27.15 0.34
N VAL B 238 -0.13 28.20 0.38
CA VAL B 238 -1.42 28.13 1.07
C VAL B 238 -2.55 27.97 0.07
N LEU B 239 -3.42 26.99 0.31
CA LEU B 239 -4.60 26.81 -0.51
C LEU B 239 -5.83 27.05 0.36
N GLY B 240 -6.76 27.85 -0.13
CA GLY B 240 -7.95 28.15 0.66
C GLY B 240 -9.09 28.67 -0.18
N SER B 242 -11.70 31.85 -0.88
CA SER B 242 -11.68 33.31 -0.76
C SER B 242 -12.83 33.98 -1.50
N GLU B 243 -13.32 35.08 -0.95
CA GLU B 243 -14.31 35.92 -1.63
C GLU B 243 -13.68 36.63 -2.84
N GLY B 244 -12.40 36.98 -2.69
CA GLY B 244 -11.68 37.77 -3.68
C GLY B 244 -11.08 36.94 -4.79
N TRP B 245 -11.50 35.67 -4.87
CA TRP B 245 -11.13 34.78 -5.98
C TRP B 245 -12.41 34.25 -6.65
N SER B 246 -12.33 33.93 -7.94
CA SER B 246 -13.44 33.27 -8.63
C SER B 246 -12.97 32.18 -9.62
N GLY B 247 -13.91 31.34 -10.02
CA GLY B 247 -13.60 30.21 -10.88
C GLY B 247 -14.32 28.93 -10.48
N PRO B 248 -14.10 27.86 -11.25
CA PRO B 248 -14.84 26.61 -11.04
C PRO B 248 -14.33 25.80 -9.85
N LEU B 249 -13.07 26.01 -9.46
CA LEU B 249 -12.41 25.14 -8.48
C LEU B 249 -12.61 25.56 -7.02
N ALA B 250 -13.01 24.60 -6.19
CA ALA B 250 -13.05 24.78 -4.75
C ALA B 250 -12.18 23.74 -4.06
N ILE B 251 -11.92 23.92 -2.77
CA ILE B 251 -11.17 22.95 -2.00
C ILE B 251 -11.84 22.66 -0.67
N ALA B 252 -11.83 21.39 -0.27
CA ALA B 252 -12.33 20.97 1.03
C ALA B 252 -11.28 20.07 1.65
N HIS B 253 -11.34 19.87 2.96
CA HIS B 253 -10.32 19.08 3.64
C HIS B 253 -10.93 18.35 4.81
N GLY B 254 -10.17 17.40 5.34
CA GLY B 254 -10.58 16.66 6.50
C GLY B 254 -9.39 15.97 7.14
N VAL B 255 -9.63 15.33 8.28
CA VAL B 255 -8.57 14.60 8.94
C VAL B 255 -8.87 13.11 8.95
N ALA B 257 -8.38 9.77 10.62
CA ALA B 257 -8.08 9.36 11.99
C ALA B 257 -6.97 8.32 12.03
N ASP B 258 -6.96 7.43 11.04
CA ASP B 258 -5.87 6.48 10.92
C ASP B 258 -5.62 6.18 9.45
N ALA B 259 -4.76 5.19 9.17
CA ALA B 259 -4.28 4.97 7.80
C ALA B 259 -5.35 4.47 6.82
N ILE B 260 -6.47 3.96 7.33
CA ILE B 260 -7.52 3.43 6.46
C ILE B 260 -8.84 4.16 6.62
N ASP B 261 -8.78 5.36 7.18
CA ASP B 261 -9.98 6.16 7.37
C ASP B 261 -10.34 6.97 6.14
N VAL B 262 -11.17 6.43 5.25
CA VAL B 262 -11.38 7.11 3.98
C VAL B 262 -12.60 8.01 3.98
N THR B 263 -13.34 8.04 5.08
CA THR B 263 -14.58 8.79 5.09
C THR B 263 -14.38 10.31 4.94
N PRO B 264 -13.29 10.87 5.52
CA PRO B 264 -13.01 12.29 5.27
C PRO B 264 -13.01 12.68 3.80
N VAL B 265 -12.53 11.81 2.91
CA VAL B 265 -12.50 12.15 1.49
C VAL B 265 -13.89 12.10 0.86
N LYS B 266 -14.71 11.13 1.24
CA LYS B 266 -16.07 11.08 0.73
C LYS B 266 -16.81 12.34 1.19
N ALA B 267 -16.51 12.79 2.41
CA ALA B 267 -17.10 14.00 2.97
C ALA B 267 -16.64 15.27 2.22
N ALA B 268 -15.37 15.33 1.85
CA ALA B 268 -14.87 16.48 1.10
C ALA B 268 -15.56 16.58 -0.25
N LEU B 269 -15.70 15.45 -0.95
CA LEU B 269 -16.34 15.44 -2.25
C LEU B 269 -17.78 15.95 -2.16
N SER B 270 -18.48 15.58 -1.08
CA SER B 270 -19.85 16.07 -0.88
C SER B 270 -19.89 17.57 -0.74
N ALA B 271 -19.02 18.09 0.13
CA ALA B 271 -18.90 19.53 0.33
C ALA B 271 -18.60 20.27 -0.99
N LEU B 272 -17.74 19.67 -1.82
CA LEU B 272 -17.38 20.23 -3.11
C LEU B 272 -18.45 19.97 -4.16
N GLY B 273 -19.43 19.14 -3.81
CA GLY B 273 -20.51 18.80 -4.71
C GLY B 273 -20.03 18.10 -5.97
N ALA B 274 -18.98 17.30 -5.83
CA ALA B 274 -18.44 16.55 -6.95
C ALA B 274 -18.43 15.09 -6.58
N GLU B 275 -18.37 14.22 -7.57
CA GLU B 275 -18.29 12.81 -7.26
C GLU B 275 -16.92 12.31 -7.66
N ALA B 276 -16.46 11.26 -7.01
CA ALA B 276 -15.17 10.66 -7.29
C ALA B 276 -15.04 10.34 -8.77
N GLY B 277 -13.90 10.68 -9.35
CA GLY B 277 -13.62 10.39 -10.74
C GLY B 277 -12.19 10.74 -11.07
N GLU B 278 -11.74 10.38 -12.27
CA GLU B 278 -10.39 10.67 -12.72
C GLU B 278 -10.04 12.16 -12.52
N ALA B 279 -11.05 13.02 -12.53
CA ALA B 279 -10.83 14.47 -12.46
C ALA B 279 -10.45 14.97 -11.07
N THR B 280 -10.81 14.20 -10.03
CA THR B 280 -10.54 14.57 -8.64
C THR B 280 -9.06 14.72 -8.30
N ILE B 281 -8.71 15.82 -7.66
CA ILE B 281 -7.35 16.01 -7.17
C ILE B 281 -7.26 15.71 -5.67
N VAL B 282 -6.31 14.87 -5.29
CA VAL B 282 -6.19 14.47 -3.88
C VAL B 282 -4.83 14.77 -3.28
N LEU B 283 -4.83 15.45 -2.12
CA LEU B 283 -3.61 15.67 -1.35
C LEU B 283 -3.76 15.08 0.05
N ALA B 284 -2.88 14.14 0.43
CA ALA B 284 -3.03 13.47 1.72
C ALA B 284 -1.68 13.20 2.37
N LYS B 285 -1.66 13.22 3.71
CA LYS B 285 -0.50 12.80 4.50
C LYS B 285 -0.70 11.42 5.09
N ALA B 286 0.30 10.56 4.96
CA ALA B 286 0.22 9.22 5.55
C ALA B 286 1.29 9.07 6.62
N GLU B 287 0.94 8.44 7.73
CA GLU B 287 1.88 8.27 8.83
C GLU B 287 1.72 6.91 9.51
N PRO B 288 2.83 6.22 9.77
CA PRO B 288 2.70 4.99 10.59
C PRO B 288 2.36 5.36 12.02
N SER B 289 1.38 4.70 12.61
CA SER B 289 0.93 5.06 13.96
C SER B 289 1.95 4.55 14.95
N ARG B 290 2.31 5.41 15.90
CA ARG B 290 3.40 5.11 16.82
C ARG B 290 2.96 4.14 17.88
N SER B 291 1.67 3.85 17.91
CA SER B 291 1.16 2.82 18.80
C SER B 291 1.58 1.44 18.33
N GLY B 292 1.95 1.33 17.07
CA GLY B 292 2.24 0.02 16.49
C GLY B 292 0.96 -0.72 16.14
N ARG B 293 -0.18 -0.03 16.21
CA ARG B 293 -1.44 -0.66 15.88
C ARG B 293 -2.30 0.21 15.00
N ILE B 294 -3.12 -0.43 14.16
CA ILE B 294 -4.24 0.25 13.51
C ILE B 294 -5.54 -0.43 13.95
N ARG B 295 -6.40 0.32 14.63
CA ARG B 295 -7.69 -0.18 15.13
C ARG B 295 -7.50 -1.48 15.90
N GLY B 296 -6.54 -1.47 16.82
CA GLY B 296 -6.28 -2.61 17.69
C GLY B 296 -5.31 -3.62 17.15
N LYS B 297 -5.12 -3.62 15.83
CA LYS B 297 -4.31 -4.66 15.14
C LYS B 297 -2.87 -4.21 14.93
N ARG B 298 -1.93 -5.07 15.28
CA ARG B 298 -0.54 -4.65 15.18
C ARG B 298 -0.11 -4.51 13.72
N HIS B 299 0.76 -3.56 13.44
CA HIS B 299 1.36 -3.40 12.12
C HIS B 299 2.85 -3.48 12.26
N THR B 300 3.58 -3.55 11.14
CA THR B 300 5.01 -3.82 11.26
C THR B 300 5.94 -2.72 10.78
N LEU B 302 7.11 0.14 11.96
CA LEU B 302 8.11 0.75 12.84
C LEU B 302 9.24 -0.21 13.19
N ASP B 303 9.12 -1.46 12.75
CA ASP B 303 10.07 -2.51 13.15
C ASP B 303 10.81 -3.05 11.93
N ASP B 304 10.62 -2.41 10.78
CA ASP B 304 11.11 -2.93 9.50
C ASP B 304 12.37 -2.22 9.05
N SER B 305 13.48 -2.95 9.08
CA SER B 305 14.80 -2.43 8.73
C SER B 305 15.14 -2.43 7.22
N ASP B 306 14.29 -3.02 6.39
CA ASP B 306 14.53 -3.06 4.94
C ASP B 306 13.85 -1.89 4.28
N ILE B 307 12.58 -1.71 4.61
CA ILE B 307 11.78 -0.63 4.05
C ILE B 307 11.41 0.39 5.13
N SER B 308 11.90 1.62 4.94
CA SER B 308 11.67 2.73 5.88
C SER B 308 10.18 3.05 6.05
N PRO B 309 9.75 3.32 7.29
CA PRO B 309 8.35 3.46 7.72
C PRO B 309 7.49 4.34 6.81
N THR B 310 7.98 5.51 6.40
CA THR B 310 7.18 6.35 5.51
C THR B 310 6.91 5.71 4.13
N ARG B 311 7.86 4.92 3.61
CA ARG B 311 7.63 4.19 2.36
C ARG B 311 6.41 3.25 2.51
N HIS B 312 6.31 2.54 3.63
CA HIS B 312 5.13 1.73 3.94
C HIS B 312 3.85 2.57 3.98
N ALA B 313 3.84 3.60 4.82
CA ALA B 313 2.65 4.42 5.00
C ALA B 313 2.09 4.96 3.66
N ARG B 314 2.98 5.45 2.80
CA ARG B 314 2.56 6.02 1.52
C ARG B 314 1.89 4.95 0.69
N ALA B 315 2.59 3.84 0.48
CA ALA B 315 2.05 2.73 -0.27
C ALA B 315 0.67 2.38 0.25
N PHE B 316 0.53 2.26 1.56
CA PHE B 316 -0.72 1.79 2.15
C PHE B 316 -1.86 2.78 2.01
N VAL B 317 -1.70 4.04 2.43
CA VAL B 317 -2.82 4.98 2.28
C VAL B 317 -3.06 5.35 0.80
N ALA B 318 -2.02 5.37 -0.03
CA ALA B 318 -2.23 5.66 -1.45
C ALA B 318 -3.20 4.63 -2.01
N GLY B 319 -3.02 3.38 -1.62
CA GLY B 319 -3.93 2.33 -2.01
C GLY B 319 -5.32 2.56 -1.47
N ALA B 320 -5.42 2.89 -0.17
CA ALA B 320 -6.72 3.13 0.44
C ALA B 320 -7.46 4.25 -0.30
N LEU B 321 -6.80 5.39 -0.51
CA LEU B 321 -7.40 6.53 -1.21
C LEU B 321 -7.77 6.21 -2.68
N ALA B 322 -6.85 5.59 -3.41
CA ALA B 322 -7.12 5.25 -4.81
C ALA B 322 -8.34 4.35 -4.96
N GLY B 323 -8.58 3.49 -3.98
CA GLY B 323 -9.76 2.64 -3.99
C GLY B 323 -11.05 3.45 -3.93
N VAL B 324 -10.95 4.68 -3.42
CA VAL B 324 -12.11 5.53 -3.24
C VAL B 324 -12.29 6.46 -4.42
N VAL B 325 -11.19 7.04 -4.89
CA VAL B 325 -11.26 8.11 -5.87
C VAL B 325 -11.10 7.53 -7.28
N GLY B 326 -10.76 6.26 -7.38
CA GLY B 326 -10.77 5.56 -8.65
C GLY B 326 -9.59 5.70 -9.61
N HIS B 327 -8.54 6.41 -9.21
CA HIS B 327 -7.34 6.53 -10.05
C HIS B 327 -6.11 6.69 -9.17
N THR B 328 -4.91 6.63 -9.76
CA THR B 328 -3.70 6.55 -8.93
C THR B 328 -2.83 7.78 -8.96
N GLU B 329 -3.29 8.83 -9.63
CA GLU B 329 -2.49 10.05 -9.73
C GLU B 329 -2.81 10.96 -8.58
N ILE B 330 -2.55 10.47 -7.37
CA ILE B 330 -2.85 11.24 -6.18
C ILE B 330 -1.54 11.58 -5.48
N TYR B 331 -1.54 12.68 -4.74
CA TYR B 331 -0.37 13.15 -4.04
C TYR B 331 -0.42 12.68 -2.58
N VAL B 332 0.35 11.65 -2.26
CA VAL B 332 0.41 11.17 -0.87
C VAL B 332 1.83 11.35 -0.37
N SER B 333 1.92 11.88 0.84
CA SER B 333 3.19 12.36 1.39
C SER B 333 3.37 11.70 2.73
N GLY B 334 4.58 11.22 3.03
CA GLY B 334 4.74 10.43 4.24
C GLY B 334 5.15 11.21 5.47
N GLY B 335 4.80 10.70 6.64
CA GLY B 335 5.25 11.29 7.90
C GLY B 335 4.40 12.45 8.37
N GLY B 336 3.57 12.21 9.37
CA GLY B 336 2.61 13.23 9.77
C GLY B 336 2.84 13.77 11.16
N GLU B 337 4.09 14.09 11.49
CA GLU B 337 4.43 14.68 12.79
C GLU B 337 3.66 15.97 13.00
N HIS B 338 2.77 15.99 13.99
CA HIS B 338 1.92 17.15 14.30
C HIS B 338 1.05 17.54 13.11
N GLN B 339 0.95 16.64 12.13
CA GLN B 339 0.07 16.87 11.00
C GLN B 339 -1.08 15.89 11.05
N GLY B 340 -2.16 16.29 11.71
CA GLY B 340 -3.22 15.37 12.04
C GLY B 340 -2.80 14.60 13.29
N PRO B 341 -3.73 13.79 13.84
CA PRO B 341 -3.44 12.97 15.02
C PRO B 341 -2.36 11.92 14.73
N ASP B 342 -1.77 11.34 15.78
CA ASP B 342 -0.78 10.29 15.56
C ASP B 342 -1.41 9.09 14.86
N GLY B 343 -0.83 8.73 13.71
CA GLY B 343 -1.29 7.61 12.92
C GLY B 343 -2.17 8.08 11.79
N GLY B 344 -2.59 9.34 11.85
CA GLY B 344 -3.43 9.93 10.82
C GLY B 344 -2.77 11.08 10.08
N GLY B 345 -3.58 11.84 9.34
CA GLY B 345 -3.07 12.98 8.59
C GLY B 345 -4.15 13.75 7.85
N PRO B 346 -3.86 15.01 7.52
CA PRO B 346 -4.81 15.81 6.72
C PRO B 346 -4.99 15.25 5.33
N VAL B 347 -6.20 15.39 4.78
CA VAL B 347 -6.44 15.14 3.36
C VAL B 347 -7.30 16.24 2.76
N ALA B 348 -6.92 16.70 1.57
CA ALA B 348 -7.65 17.75 0.86
C ALA B 348 -8.08 17.28 -0.53
N VAL B 349 -9.20 17.81 -1.01
CA VAL B 349 -9.71 17.48 -2.34
C VAL B 349 -9.95 18.77 -3.12
N ILE B 350 -9.66 18.74 -4.42
CA ILE B 350 -9.90 19.90 -5.28
C ILE B 350 -10.74 19.49 -6.49
N ALA B 351 -11.99 19.97 -6.53
CA ALA B 351 -12.92 19.57 -7.59
C ALA B 351 -13.80 20.74 -8.06
N ALA B 352 -14.48 20.56 -9.18
CA ALA B 352 -15.52 21.49 -9.63
C ALA B 352 -16.93 21.01 -9.23
N ARG B 353 -17.86 21.95 -9.08
CA ARG B 353 -19.23 21.66 -8.66
C ARG B 353 -20.12 21.01 -9.76
N THR B 354 -20.83 19.94 -9.40
CA THR B 354 -21.87 19.37 -10.27
C THR B 354 -23.21 19.21 -9.53
#